data_7DB6
#
_entry.id   7DB6
#
_cell.length_a   1.00
_cell.length_b   1.00
_cell.length_c   1.00
_cell.angle_alpha   90.00
_cell.angle_beta   90.00
_cell.angle_gamma   90.00
#
_symmetry.space_group_name_H-M   'P 1'
#
loop_
_entity.id
_entity.type
_entity.pdbx_description
1 polymer 'Guanine nucleotide-binding protein G(i) subunit alpha-1'
2 polymer 'Guanine nucleotide-binding protein G(I)/G(S)/G(T) subunit beta-1'
3 polymer 'Guanine nucleotide-binding protein G(I)/G(S)/G(O) subunit gamma-2'
4 polymer scFv16
5 polymer 'Melatonin receptor type 1A'
6 non-polymer N-{2-[(8S)-1,6,7,8-tetrahydro-2H-indeno[5,4-b]furan-8-yl]ethyl}propanamide
#
loop_
_entity_poly.entity_id
_entity_poly.type
_entity_poly.pdbx_seq_one_letter_code
_entity_poly.pdbx_strand_id
1 'polypeptide(L)'
;MGCTLSAEDKAAVERSKMIDRNLREDGEKAAREVKLLLLGAGESGKSTIVKQMKIIHEAGYSEEECKQYKAVVYSNTIQS
IIAIIRAMGRLKIDFGDSARADDARQLFVLAGAAEEGFMTAELAGVIKRLWKDSGVQACFNRSREYQLNDSAAYYLNDLD
RIAQPNYIPTQQDVLRTRVKTTGIVETHFTFKDLHFKMFDVGGQRSERKKWIHCFEGVTAIIFCVALSDYDLVLAEDEEM
NRMHESMKLFDSICNNKWFTDTSIILFLNKKDLFEEKIKKSPLTICYPEYAGSNTYEEAAAYIQCQFEDLNKRKDTKEIY
THFTCATDTKNVQFVFDAVTDVIIKNNLKDCGLF
;
A
2 'polypeptide(L)'
;GSQLQSELDQLRQEAEQLKNQIRDARKACADATLSQITNNIDPVGRIQMRTRRTLRGHLAKIYAMHWGTDSRLLVSASQD
GKLIIWDSYTTNKVHAIPLRSSWVMTCAYAPSGNYVACGGLDNICSIYNLKTREGNVRVSRELAGHTGYLSCCRFLDDNQ
IVTSSGDTTCALWDIETGQQTTTFTGHTGDVMSLSLAPDTRLFVSGACDASAKLWDVREGMCRQTFTGHESDINAICFFP
NGNAFATGSDDATCRLFDLRADQELMTYSHDNIICGITSVSFSKSGRLLLAGYDDFNCNVWDALKADRAGVLAGHDNRVS
CLGVTDDGMAVATGSWDSFLKIWN
;
B
3 'polypeptide(L)' MASNNTASIAQARKLVEQLKMEANIDRIKVSKAAADLMAYCEAHAKEDPLLTPVPASENPFREKKFFS C
4 'polypeptide(L)'
;DVQLVESGGGLVQPGGSRKLSCSASGFAFSSFGMHWVRQAPEKGLEWVAYISSGSGTIYYADTVKGRFTISRDDPKNTLF
LQMTSLRSEDTAMYYCVRSIYYYGSSPFDFWGQGTTLTVSSGGGGSGGGGSGGGGSDIVMTQATSSVPVTPGESVSISCR
SSKSLLHSNGNTYLYWFLQRPGQSPQLLIYRMSNLASGVPDRFSGSGSGTAFTLTISRLEAEDVGVYYCMQHLEYPLTFG
AGTKLELKAAAASSEDLYFQ
;
E
5 'polypeptide(L)'
;MKTIIALSYIFCLVFADYKDDDDKEFMQGNGSALPNASQPVLRGDGARPSWLASALACVLIFTIVVDILGNLLVILSVYR
NKKLRNAGNIFVVSLAVADLVVAIYPYPLVLMSIFNNGWNLGYLHCQVSGFLMGLSVIGSIFNITGIAINRYCYICHSLK
YDKLYSSKNSLCYVLLIWLLTLAAVLPNLRAGTLQYDPRIYSCTFAQSVSSAYTIAVVVFHFLVPMIIVIFCYLRIWILV
LQVRQRVKPDRKPKLKPQDFRNFVTMFVVFVLFAICWAPLNFIGLAVASDPASMVPRIPEWLFVASYYMAYFNSCLNAII
YGLLNQNFRKEYRRIIVSLCTARVFFVDSSNDVADRVKWKPSPLMTENLYFQ
;
D
#
# COMPACT_ATOMS: atom_id res chain seq x y z
N CYS A 3 16.30 8.14 19.21
CA CYS A 3 17.08 8.91 18.25
C CYS A 3 16.97 10.40 18.56
N THR A 4 16.79 11.21 17.53
CA THR A 4 16.61 12.65 17.69
C THR A 4 15.12 13.01 17.68
N LEU A 5 14.30 12.11 18.22
CA LEU A 5 12.87 12.32 18.30
C LEU A 5 12.50 12.90 19.66
N SER A 6 11.45 13.71 19.68
CA SER A 6 10.94 14.29 20.91
C SER A 6 10.07 13.26 21.64
N ALA A 7 9.37 13.70 22.68
CA ALA A 7 8.52 12.80 23.44
C ALA A 7 7.21 12.49 22.73
N GLU A 8 6.81 13.33 21.77
CA GLU A 8 5.59 13.12 21.03
C GLU A 8 5.81 12.43 19.69
N ASP A 9 6.99 12.57 19.10
CA ASP A 9 7.27 11.89 17.84
C ASP A 9 7.42 10.39 18.03
N LYS A 10 7.90 9.94 19.19
CA LYS A 10 7.93 8.51 19.48
C LYS A 10 6.53 7.93 19.57
N ALA A 11 5.58 8.69 20.12
CA ALA A 11 4.21 8.19 20.21
C ALA A 11 3.49 8.29 18.86
N ALA A 12 3.83 9.28 18.04
CA ALA A 12 3.34 9.30 16.67
C ALA A 12 3.84 8.11 15.87
N VAL A 13 5.11 7.74 16.06
CA VAL A 13 5.66 6.56 15.39
C VAL A 13 5.01 5.28 15.90
N GLU A 14 4.72 5.20 17.20
CA GLU A 14 4.03 4.04 17.75
C GLU A 14 2.61 3.91 17.20
N ARG A 15 1.92 5.05 17.02
CA ARG A 15 0.61 5.04 16.40
C ARG A 15 0.68 4.58 14.94
N SER A 16 1.71 5.03 14.22
CA SER A 16 1.87 4.60 12.83
C SER A 16 2.18 3.12 12.71
N LYS A 17 2.95 2.58 13.65
CA LYS A 17 3.23 1.14 13.62
C LYS A 17 2.00 0.32 13.98
N MET A 18 1.15 0.82 14.89
CA MET A 18 -0.09 0.13 15.18
C MET A 18 -1.06 0.18 14.00
N ILE A 19 -1.05 1.29 13.25
CA ILE A 19 -1.85 1.38 12.04
C ILE A 19 -1.35 0.39 10.98
N ASP A 20 -0.01 0.24 10.85
CA ASP A 20 0.57 -0.78 9.99
C ASP A 20 0.12 -2.20 10.39
N ARG A 21 0.10 -2.47 11.69
CA ARG A 21 -0.32 -3.77 12.19
C ARG A 21 -1.77 -4.08 11.80
N ASN A 22 -2.66 -3.11 12.02
CA ASN A 22 -4.07 -3.30 11.65
C ASN A 22 -4.25 -3.44 10.15
N LEU A 23 -3.47 -2.69 9.36
CA LEU A 23 -3.55 -2.75 7.90
C LEU A 23 -3.16 -4.12 7.37
N ARG A 24 -2.03 -4.68 7.81
CA ARG A 24 -1.68 -5.99 7.27
C ARG A 24 -2.51 -7.11 7.89
N GLU A 25 -3.02 -6.97 9.12
CA GLU A 25 -3.86 -8.04 9.62
C GLU A 25 -5.25 -8.04 9.00
N ASP A 26 -5.70 -6.94 8.41
CA ASP A 26 -6.90 -7.04 7.59
C ASP A 26 -6.61 -7.30 6.12
N GLY A 27 -5.39 -6.99 5.65
CA GLY A 27 -5.00 -7.38 4.31
C GLY A 27 -4.83 -8.88 4.14
N GLU A 28 -4.54 -9.58 5.24
CA GLU A 28 -4.62 -11.04 5.26
C GLU A 28 -6.00 -11.54 4.81
N LYS A 29 -7.05 -11.04 5.46
CA LYS A 29 -8.41 -11.42 5.11
C LYS A 29 -8.81 -10.90 3.74
N ALA A 30 -8.30 -9.74 3.34
CA ALA A 30 -8.60 -9.21 2.01
C ALA A 30 -7.83 -9.91 0.91
N ALA A 31 -6.82 -10.71 1.24
CA ALA A 31 -6.13 -11.53 0.25
C ALA A 31 -6.60 -12.98 0.25
N ARG A 32 -7.19 -13.46 1.34
CA ARG A 32 -7.67 -14.84 1.42
C ARG A 32 -9.17 -14.96 1.11
N GLU A 33 -9.71 -14.09 0.27
CA GLU A 33 -11.13 -14.12 -0.09
C GLU A 33 -11.28 -14.13 -1.60
N VAL A 34 -12.26 -14.87 -2.09
CA VAL A 34 -12.40 -15.14 -3.51
C VAL A 34 -13.28 -14.07 -4.13
N LYS A 35 -12.70 -13.20 -4.93
CA LYS A 35 -13.40 -12.10 -5.59
C LYS A 35 -13.71 -12.52 -7.02
N LEU A 36 -14.99 -12.78 -7.30
CA LEU A 36 -15.43 -13.24 -8.61
C LEU A 36 -16.19 -12.12 -9.30
N LEU A 37 -15.71 -11.71 -10.46
CA LEU A 37 -16.51 -10.84 -11.29
C LEU A 37 -17.59 -11.67 -11.97
N LEU A 38 -18.76 -11.09 -12.20
CA LEU A 38 -19.85 -11.84 -12.81
C LEU A 38 -20.34 -11.09 -14.04
N LEU A 39 -20.43 -11.80 -15.17
CA LEU A 39 -20.79 -11.19 -16.43
C LEU A 39 -21.75 -12.09 -17.19
N GLY A 40 -22.49 -11.49 -18.11
CA GLY A 40 -23.43 -12.24 -18.93
C GLY A 40 -23.93 -11.36 -20.06
N ALA A 41 -24.58 -12.01 -21.01
CA ALA A 41 -25.14 -11.31 -22.15
C ALA A 41 -26.51 -10.73 -21.79
N GLY A 42 -27.09 -10.00 -22.75
CA GLY A 42 -28.39 -9.39 -22.56
C GLY A 42 -29.52 -10.38 -22.49
N GLU A 43 -30.21 -10.40 -21.34
CA GLU A 43 -31.33 -11.31 -21.03
C GLU A 43 -30.93 -12.78 -21.17
N SER A 44 -29.94 -13.16 -20.37
CA SER A 44 -29.45 -14.54 -20.33
C SER A 44 -30.04 -15.34 -19.17
N GLY A 45 -30.57 -14.68 -18.15
CA GLY A 45 -31.07 -15.37 -16.98
C GLY A 45 -30.06 -15.37 -15.86
N LYS A 46 -30.29 -14.54 -14.85
CA LYS A 46 -29.39 -14.44 -13.71
C LYS A 46 -30.10 -14.52 -12.37
N SER A 47 -31.44 -14.51 -12.35
CA SER A 47 -32.18 -14.69 -11.11
C SER A 47 -32.50 -16.17 -10.90
N THR A 48 -31.63 -17.05 -11.41
CA THR A 48 -31.74 -18.48 -11.20
C THR A 48 -30.45 -19.14 -10.75
N ILE A 49 -29.31 -18.47 -10.84
CA ILE A 49 -28.07 -18.96 -10.28
C ILE A 49 -27.68 -18.20 -9.00
N VAL A 50 -28.11 -16.95 -8.85
CA VAL A 50 -27.98 -16.27 -7.57
C VAL A 50 -28.96 -16.81 -6.53
N LYS A 51 -29.97 -17.55 -6.96
CA LYS A 51 -30.79 -18.33 -6.03
C LYS A 51 -30.04 -19.57 -5.57
N GLN A 52 -29.18 -20.12 -6.43
CA GLN A 52 -28.52 -21.39 -6.18
C GLN A 52 -27.44 -21.30 -5.10
N MET A 53 -26.86 -20.11 -4.90
CA MET A 53 -25.79 -19.94 -3.93
C MET A 53 -26.32 -20.00 -2.51
N LYS A 54 -25.41 -20.10 -1.54
CA LYS A 54 -25.75 -20.18 -0.12
C LYS A 54 -26.15 -18.79 0.34
N ILE A 55 -27.45 -18.52 0.29
CA ILE A 55 -27.98 -17.22 0.69
C ILE A 55 -29.14 -17.42 1.66
N THR A 182 -28.41 2.27 -8.04
CA THR A 182 -27.39 1.66 -7.18
C THR A 182 -26.05 1.55 -7.91
N GLY A 183 -25.00 1.26 -7.16
CA GLY A 183 -23.66 1.20 -7.72
C GLY A 183 -23.24 -0.20 -8.10
N ILE A 184 -22.10 -0.66 -7.58
CA ILE A 184 -21.78 -2.08 -7.71
C ILE A 184 -22.71 -2.85 -6.79
N VAL A 185 -23.08 -4.05 -7.20
CA VAL A 185 -23.96 -4.91 -6.42
C VAL A 185 -23.18 -6.17 -6.08
N GLU A 186 -22.95 -6.34 -4.79
CA GLU A 186 -22.08 -7.38 -4.25
C GLU A 186 -22.94 -8.46 -3.61
N THR A 187 -22.54 -9.71 -3.81
CA THR A 187 -23.27 -10.86 -3.27
C THR A 187 -22.28 -11.74 -2.52
N HIS A 188 -22.56 -12.00 -1.24
CA HIS A 188 -21.72 -12.86 -0.43
C HIS A 188 -22.27 -14.28 -0.41
N PHE A 189 -21.35 -15.25 -0.38
CA PHE A 189 -21.68 -16.58 0.12
C PHE A 189 -20.41 -17.28 0.56
N THR A 190 -20.48 -17.92 1.73
CA THR A 190 -19.37 -18.69 2.28
C THR A 190 -19.62 -20.16 1.99
N PHE A 191 -18.80 -20.74 1.12
CA PHE A 191 -18.96 -22.12 0.68
C PHE A 191 -17.64 -22.85 0.90
N LYS A 192 -17.67 -23.87 1.76
CA LYS A 192 -16.62 -24.86 1.96
C LYS A 192 -15.26 -24.21 2.28
N ASP A 193 -15.27 -23.43 3.36
CA ASP A 193 -14.18 -22.63 3.91
C ASP A 193 -13.76 -21.45 3.03
N LEU A 194 -14.43 -21.20 1.90
CA LEU A 194 -14.03 -20.13 1.01
C LEU A 194 -15.11 -19.05 0.98
N HIS A 195 -14.68 -17.80 1.20
CA HIS A 195 -15.59 -16.66 1.24
C HIS A 195 -15.66 -16.05 -0.15
N PHE A 196 -16.74 -16.34 -0.88
CA PHE A 196 -16.93 -15.83 -2.23
C PHE A 196 -17.67 -14.52 -2.17
N LYS A 197 -17.02 -13.45 -2.62
CA LYS A 197 -17.70 -12.22 -2.98
C LYS A 197 -17.89 -12.25 -4.49
N MET A 198 -19.07 -11.84 -4.95
CA MET A 198 -19.38 -11.84 -6.37
C MET A 198 -19.92 -10.48 -6.74
N PHE A 199 -19.25 -9.80 -7.67
CA PHE A 199 -19.59 -8.45 -8.05
C PHE A 199 -20.29 -8.50 -9.40
N ASP A 200 -21.53 -8.02 -9.44
CA ASP A 200 -22.40 -8.32 -10.57
C ASP A 200 -22.27 -7.26 -11.66
N VAL A 201 -22.82 -7.59 -12.83
CA VAL A 201 -22.90 -6.65 -13.94
C VAL A 201 -24.17 -5.82 -13.89
N GLY A 202 -25.16 -6.23 -13.09
CA GLY A 202 -26.46 -5.56 -13.09
C GLY A 202 -26.55 -4.27 -12.29
N GLY A 203 -25.41 -3.62 -12.07
CA GLY A 203 -25.41 -2.34 -11.38
C GLY A 203 -25.00 -1.16 -12.25
N GLN A 204 -24.05 -1.39 -13.15
CA GLN A 204 -23.52 -0.31 -13.98
C GLN A 204 -24.27 -0.22 -15.30
N ARG A 205 -24.11 0.91 -15.97
CA ARG A 205 -24.82 1.16 -17.22
C ARG A 205 -23.86 1.60 -18.32
N SER A 206 -22.77 2.24 -17.94
CA SER A 206 -21.84 2.83 -18.90
C SER A 206 -20.99 1.72 -19.53
N GLU A 207 -21.19 1.48 -20.82
CA GLU A 207 -20.42 0.49 -21.57
C GLU A 207 -19.23 1.10 -22.31
N ARG A 208 -18.66 2.17 -21.77
CA ARG A 208 -17.43 2.76 -22.28
C ARG A 208 -16.19 1.93 -21.89
N LYS A 209 -16.39 0.90 -21.05
CA LYS A 209 -15.34 0.01 -20.53
C LYS A 209 -14.28 0.80 -19.77
N LYS A 210 -14.75 1.64 -18.85
CA LYS A 210 -13.90 2.38 -17.94
C LYS A 210 -13.98 1.85 -16.52
N TRP A 211 -14.82 0.85 -16.26
CA TRP A 211 -14.93 0.23 -14.95
C TRP A 211 -14.19 -1.10 -14.89
N ILE A 212 -13.50 -1.48 -15.96
CA ILE A 212 -12.88 -2.80 -16.03
C ILE A 212 -11.54 -2.86 -15.31
N HIS A 213 -10.76 -1.75 -15.32
CA HIS A 213 -9.45 -1.76 -14.68
C HIS A 213 -9.54 -1.80 -13.17
N CYS A 214 -10.69 -1.47 -12.59
CA CYS A 214 -10.92 -1.70 -11.17
C CYS A 214 -10.99 -3.19 -10.83
N PHE A 215 -11.29 -4.04 -11.82
CA PHE A 215 -11.54 -5.46 -11.59
C PHE A 215 -10.36 -6.32 -12.00
N GLU A 216 -9.15 -5.85 -11.76
CA GLU A 216 -8.00 -6.73 -11.81
C GLU A 216 -7.75 -7.33 -10.43
N GLY A 217 -6.99 -8.41 -10.41
CA GLY A 217 -6.81 -9.12 -9.16
C GLY A 217 -8.01 -9.91 -8.70
N VAL A 218 -9.00 -10.11 -9.57
CA VAL A 218 -10.14 -10.97 -9.27
C VAL A 218 -9.72 -12.39 -9.57
N THR A 219 -10.32 -13.34 -8.85
CA THR A 219 -9.89 -14.73 -8.98
C THR A 219 -10.43 -15.34 -10.27
N ALA A 220 -11.69 -15.07 -10.59
CA ALA A 220 -12.28 -15.60 -11.81
C ALA A 220 -13.38 -14.67 -12.31
N ILE A 221 -13.63 -14.75 -13.61
CA ILE A 221 -14.69 -14.01 -14.27
C ILE A 221 -15.78 -14.99 -14.69
N ILE A 222 -16.80 -15.14 -13.85
CA ILE A 222 -17.90 -16.05 -14.12
C ILE A 222 -18.75 -15.49 -15.24
N PHE A 223 -18.59 -16.03 -16.43
CA PHE A 223 -19.38 -15.62 -17.58
C PHE A 223 -20.56 -16.58 -17.73
N CYS A 224 -21.71 -16.02 -18.07
CA CYS A 224 -22.92 -16.83 -18.26
C CYS A 224 -23.54 -16.46 -19.59
N VAL A 225 -23.40 -17.33 -20.59
CA VAL A 225 -24.12 -17.23 -21.85
C VAL A 225 -24.87 -18.53 -22.08
N ALA A 226 -26.15 -18.42 -22.40
CA ALA A 226 -27.02 -19.57 -22.57
C ALA A 226 -27.24 -19.82 -24.07
N LEU A 227 -28.11 -20.76 -24.37
CA LEU A 227 -28.43 -21.08 -25.76
C LEU A 227 -29.66 -20.34 -26.25
N SER A 228 -30.43 -19.72 -25.35
CA SER A 228 -31.61 -18.94 -25.72
C SER A 228 -31.27 -17.46 -25.90
N ASP A 229 -30.02 -17.15 -26.26
CA ASP A 229 -29.59 -15.77 -26.41
C ASP A 229 -30.18 -15.10 -27.65
N TYR A 230 -30.57 -15.88 -28.66
CA TYR A 230 -31.16 -15.34 -29.89
C TYR A 230 -32.68 -15.41 -29.86
N ASP A 231 -33.27 -15.23 -28.68
CA ASP A 231 -34.72 -15.19 -28.50
C ASP A 231 -35.26 -13.76 -28.54
N LEU A 232 -34.57 -12.83 -27.87
CA LEU A 232 -35.05 -11.46 -27.77
C LEU A 232 -34.85 -10.65 -29.04
N VAL A 233 -34.07 -11.18 -29.99
CA VAL A 233 -33.65 -10.58 -31.28
C VAL A 233 -33.37 -9.08 -31.25
N ASN A 241 -28.72 -9.97 -34.28
CA ASN A 241 -27.62 -10.90 -34.40
C ASN A 241 -26.79 -10.95 -33.12
N ARG A 242 -26.62 -12.14 -32.57
CA ARG A 242 -25.79 -12.34 -31.40
C ARG A 242 -24.33 -12.62 -31.75
N MET A 243 -24.07 -13.05 -32.99
CA MET A 243 -22.74 -13.51 -33.37
C MET A 243 -21.73 -12.37 -33.37
N HIS A 244 -22.02 -11.31 -34.12
CA HIS A 244 -21.05 -10.23 -34.29
C HIS A 244 -20.79 -9.50 -32.98
N GLU A 245 -21.86 -9.21 -32.22
CA GLU A 245 -21.69 -8.51 -30.94
C GLU A 245 -20.99 -9.38 -29.91
N SER A 246 -21.32 -10.69 -29.84
CA SER A 246 -20.69 -11.55 -28.86
C SER A 246 -19.21 -11.81 -29.18
N MET A 247 -18.89 -12.12 -30.44
CA MET A 247 -17.50 -12.36 -30.79
C MET A 247 -16.68 -11.07 -30.83
N LYS A 248 -17.32 -9.92 -31.05
CA LYS A 248 -16.60 -8.66 -30.93
C LYS A 248 -16.35 -8.29 -29.47
N LEU A 249 -17.27 -8.63 -28.56
CA LEU A 249 -17.00 -8.47 -27.14
C LEU A 249 -15.86 -9.39 -26.69
N PHE A 250 -15.80 -10.61 -27.22
CA PHE A 250 -14.73 -11.50 -26.80
C PHE A 250 -13.39 -11.14 -27.44
N ASP A 251 -13.40 -10.63 -28.66
CA ASP A 251 -12.18 -10.06 -29.23
C ASP A 251 -11.79 -8.76 -28.54
N SER A 252 -12.76 -8.05 -27.94
CA SER A 252 -12.45 -6.86 -27.15
C SER A 252 -11.76 -7.23 -25.84
N ILE A 253 -12.27 -8.25 -25.15
CA ILE A 253 -11.62 -8.69 -23.92
C ILE A 253 -10.36 -9.49 -24.18
N CYS A 254 -10.15 -9.97 -25.40
CA CYS A 254 -8.84 -10.48 -25.82
C CYS A 254 -7.95 -9.38 -26.40
N ASN A 255 -8.49 -8.18 -26.58
CA ASN A 255 -7.71 -6.99 -26.90
C ASN A 255 -7.30 -6.23 -25.65
N ASN A 256 -8.16 -6.24 -24.63
CA ASN A 256 -7.82 -5.64 -23.35
C ASN A 256 -6.75 -6.47 -22.67
N LYS A 257 -5.71 -5.79 -22.15
CA LYS A 257 -4.58 -6.49 -21.55
C LYS A 257 -4.94 -7.12 -20.20
N TRP A 258 -6.00 -6.62 -19.56
CA TRP A 258 -6.30 -7.06 -18.20
C TRP A 258 -7.04 -8.39 -18.15
N PHE A 259 -7.99 -8.59 -19.07
CA PHE A 259 -8.84 -9.77 -19.03
C PHE A 259 -8.25 -10.96 -19.78
N THR A 260 -7.15 -10.77 -20.50
CA THR A 260 -6.56 -11.81 -21.34
C THR A 260 -5.66 -12.75 -20.55
N ASP A 261 -5.40 -12.46 -19.28
CA ASP A 261 -4.59 -13.34 -18.43
C ASP A 261 -5.35 -13.88 -17.24
N THR A 262 -6.64 -13.55 -17.10
CA THR A 262 -7.46 -14.01 -15.99
C THR A 262 -8.37 -15.14 -16.47
N SER A 263 -8.65 -16.08 -15.56
CA SER A 263 -9.45 -17.24 -15.92
C SER A 263 -10.91 -16.85 -16.04
N ILE A 264 -11.59 -17.44 -17.03
CA ILE A 264 -12.96 -17.07 -17.40
C ILE A 264 -13.81 -18.32 -17.28
N ILE A 265 -14.55 -18.45 -16.18
CA ILE A 265 -15.47 -19.57 -16.01
C ILE A 265 -16.70 -19.35 -16.88
N LEU A 266 -17.08 -20.39 -17.62
CA LEU A 266 -18.24 -20.35 -18.51
C LEU A 266 -19.36 -21.25 -18.00
N PHE A 267 -20.59 -20.76 -18.09
CA PHE A 267 -21.78 -21.54 -17.75
C PHE A 267 -22.73 -21.63 -18.93
N LEU A 268 -23.14 -22.85 -19.24
CA LEU A 268 -24.32 -23.15 -20.04
C LEU A 268 -25.14 -24.07 -19.15
N ASN A 269 -26.12 -23.49 -18.45
CA ASN A 269 -26.63 -24.02 -17.19
C ASN A 269 -27.82 -24.97 -17.34
N LYS A 270 -28.91 -24.50 -17.93
CA LYS A 270 -30.17 -25.22 -17.84
C LYS A 270 -30.25 -26.35 -18.87
N LYS A 271 -31.33 -27.12 -18.77
CA LYS A 271 -31.71 -28.06 -19.82
C LYS A 271 -33.23 -28.12 -19.90
N ASP A 272 -33.87 -26.94 -19.90
CA ASP A 272 -35.32 -26.81 -20.00
C ASP A 272 -35.77 -26.31 -21.37
N LEU A 273 -34.94 -25.54 -22.06
CA LEU A 273 -35.29 -24.98 -23.35
C LEU A 273 -34.12 -25.05 -24.33
N PHE A 274 -33.00 -25.66 -23.94
CA PHE A 274 -31.84 -25.72 -24.81
C PHE A 274 -32.04 -26.71 -25.95
N GLU A 275 -32.95 -27.67 -25.80
CA GLU A 275 -33.21 -28.63 -26.87
C GLU A 275 -34.42 -28.27 -27.72
N GLU A 276 -35.34 -27.45 -27.21
CA GLU A 276 -36.61 -27.20 -27.88
C GLU A 276 -36.56 -26.10 -28.92
N LYS A 277 -35.45 -25.38 -29.05
CA LYS A 277 -35.36 -24.30 -30.04
C LYS A 277 -34.27 -24.51 -31.08
N ILE A 278 -33.44 -25.55 -30.94
CA ILE A 278 -32.46 -25.84 -31.97
C ILE A 278 -33.14 -26.40 -33.22
N LYS A 279 -34.16 -27.23 -33.04
CA LYS A 279 -34.85 -27.91 -34.14
C LYS A 279 -35.89 -27.05 -34.85
N LYS A 280 -35.77 -25.71 -34.80
CA LYS A 280 -36.66 -24.88 -35.58
C LYS A 280 -36.29 -24.90 -37.06
N SER A 281 -35.01 -24.93 -37.37
CA SER A 281 -34.47 -24.60 -38.69
C SER A 281 -32.95 -24.82 -38.63
N PRO A 282 -32.29 -24.89 -39.79
CA PRO A 282 -30.84 -24.65 -39.82
C PRO A 282 -30.52 -23.23 -39.40
N LEU A 283 -29.24 -23.00 -39.06
CA LEU A 283 -28.79 -21.78 -38.40
C LEU A 283 -28.24 -20.77 -39.41
N THR A 284 -28.87 -20.69 -40.59
CA THR A 284 -28.41 -19.79 -41.64
C THR A 284 -28.87 -18.36 -41.41
N ILE A 285 -29.76 -18.13 -40.43
CA ILE A 285 -30.41 -16.83 -40.28
C ILE A 285 -29.43 -15.78 -39.75
N CYS A 286 -28.59 -16.15 -38.77
CA CYS A 286 -27.66 -15.20 -38.19
C CYS A 286 -26.23 -15.73 -38.06
N TYR A 287 -25.98 -16.99 -38.40
CA TYR A 287 -24.70 -17.63 -38.07
C TYR A 287 -24.12 -18.27 -39.33
N PRO A 288 -23.36 -17.53 -40.12
CA PRO A 288 -22.75 -18.08 -41.33
C PRO A 288 -21.50 -18.90 -41.11
N GLU A 289 -21.08 -19.14 -39.86
CA GLU A 289 -19.91 -19.98 -39.63
C GLU A 289 -20.19 -21.45 -39.88
N TYR A 290 -21.45 -21.87 -39.77
CA TYR A 290 -21.84 -23.27 -39.89
C TYR A 290 -23.10 -23.39 -40.73
N ALA A 291 -23.14 -24.42 -41.59
CA ALA A 291 -24.25 -24.60 -42.52
C ALA A 291 -24.64 -26.07 -42.66
N GLY A 292 -24.49 -26.85 -41.59
CA GLY A 292 -24.83 -28.26 -41.63
C GLY A 292 -25.97 -28.65 -40.70
N SER A 293 -25.99 -29.91 -40.28
CA SER A 293 -27.01 -30.38 -39.36
C SER A 293 -26.74 -29.89 -37.94
N ASN A 294 -27.82 -29.57 -37.23
CA ASN A 294 -27.73 -28.96 -35.91
C ASN A 294 -28.47 -29.83 -34.89
N THR A 295 -27.71 -30.68 -34.19
CA THR A 295 -28.21 -31.41 -33.03
C THR A 295 -27.92 -30.58 -31.78
N TYR A 296 -28.07 -31.16 -30.60
CA TYR A 296 -27.81 -30.42 -29.36
C TYR A 296 -26.34 -30.45 -28.96
N GLU A 297 -25.81 -31.64 -28.68
CA GLU A 297 -24.51 -31.72 -28.02
C GLU A 297 -23.35 -31.62 -29.02
N GLU A 298 -23.56 -32.07 -30.27
CA GLU A 298 -22.54 -31.86 -31.30
C GLU A 298 -22.39 -30.37 -31.62
N ALA A 299 -23.51 -29.64 -31.71
CA ALA A 299 -23.44 -28.20 -31.87
C ALA A 299 -22.91 -27.51 -30.62
N ALA A 300 -23.13 -28.10 -29.44
CA ALA A 300 -22.56 -27.54 -28.21
C ALA A 300 -21.05 -27.67 -28.21
N ALA A 301 -20.52 -28.81 -28.66
CA ALA A 301 -19.09 -28.98 -28.83
C ALA A 301 -18.55 -28.06 -29.93
N TYR A 302 -19.37 -27.78 -30.95
CA TYR A 302 -18.98 -26.81 -31.97
C TYR A 302 -18.89 -25.40 -31.41
N ILE A 303 -19.81 -25.04 -30.51
CA ILE A 303 -19.76 -23.75 -29.83
C ILE A 303 -18.53 -23.66 -28.93
N GLN A 304 -18.17 -24.78 -28.28
CA GLN A 304 -16.93 -24.83 -27.50
C GLN A 304 -15.70 -24.64 -28.38
N CYS A 305 -15.66 -25.33 -29.54
CA CYS A 305 -14.50 -25.26 -30.42
C CYS A 305 -14.36 -23.89 -31.09
N GLN A 306 -15.47 -23.23 -31.40
CA GLN A 306 -15.37 -21.86 -31.89
C GLN A 306 -15.14 -20.86 -30.76
N PHE A 307 -15.45 -21.25 -29.52
CA PHE A 307 -15.15 -20.38 -28.38
C PHE A 307 -13.66 -20.36 -28.10
N GLU A 308 -13.00 -21.51 -28.29
CA GLU A 308 -11.54 -21.52 -28.23
C GLU A 308 -10.91 -20.84 -29.45
N ASP A 309 -11.65 -20.72 -30.56
CA ASP A 309 -11.15 -19.96 -31.71
C ASP A 309 -11.13 -18.47 -31.42
N LEU A 310 -11.94 -18.01 -30.46
CA LEU A 310 -11.93 -16.61 -30.07
C LEU A 310 -10.64 -16.24 -29.34
N ASN A 311 -10.01 -17.20 -28.68
CA ASN A 311 -8.84 -16.95 -27.85
C ASN A 311 -7.61 -16.80 -28.74
N LYS A 312 -6.96 -15.64 -28.67
CA LYS A 312 -5.72 -15.45 -29.40
C LYS A 312 -4.54 -16.10 -28.68
N ARG A 313 -4.58 -16.16 -27.35
CA ARG A 313 -3.45 -16.69 -26.58
C ARG A 313 -4.01 -17.45 -25.37
N LYS A 314 -3.98 -18.78 -25.44
CA LYS A 314 -4.29 -19.63 -24.30
C LYS A 314 -3.08 -19.89 -23.41
N ASP A 315 -1.98 -19.16 -23.62
CA ASP A 315 -0.77 -19.36 -22.84
C ASP A 315 -0.95 -18.88 -21.40
N THR A 316 -1.84 -17.91 -21.18
CA THR A 316 -2.07 -17.36 -19.85
C THR A 316 -3.47 -17.67 -19.33
N LYS A 317 -4.52 -17.32 -20.07
CA LYS A 317 -5.88 -17.53 -19.59
C LYS A 317 -6.35 -18.95 -19.89
N GLU A 318 -7.38 -19.38 -19.16
CA GLU A 318 -7.84 -20.75 -19.24
C GLU A 318 -9.35 -20.76 -19.03
N ILE A 319 -10.07 -21.35 -19.98
CA ILE A 319 -11.53 -21.36 -19.99
C ILE A 319 -12.02 -22.62 -19.29
N TYR A 320 -13.13 -22.49 -18.56
CA TYR A 320 -13.73 -23.60 -17.83
C TYR A 320 -15.21 -23.64 -18.20
N THR A 321 -15.54 -24.38 -19.26
CA THR A 321 -16.89 -24.45 -19.77
C THR A 321 -17.70 -25.51 -19.02
N HIS A 322 -19.02 -25.31 -18.97
CA HIS A 322 -19.88 -26.20 -18.21
C HIS A 322 -21.19 -26.43 -18.95
N PHE A 323 -21.47 -27.69 -19.25
CA PHE A 323 -22.73 -28.12 -19.87
C PHE A 323 -23.39 -29.09 -18.90
N THR A 324 -24.37 -28.59 -18.16
CA THR A 324 -24.92 -29.33 -17.03
C THR A 324 -26.44 -29.26 -17.04
N CYS A 325 -27.04 -29.87 -16.03
CA CYS A 325 -28.45 -29.68 -15.71
C CYS A 325 -28.55 -28.77 -14.50
N ALA A 326 -29.08 -27.57 -14.69
CA ALA A 326 -29.21 -26.60 -13.59
C ALA A 326 -30.42 -26.98 -12.73
N THR A 327 -30.22 -28.02 -11.92
CA THR A 327 -31.28 -28.54 -11.06
C THR A 327 -30.97 -28.44 -9.58
N ASP A 328 -29.70 -28.49 -9.21
CA ASP A 328 -29.26 -28.53 -7.81
C ASP A 328 -27.92 -27.83 -7.73
N THR A 329 -27.15 -28.13 -6.69
CA THR A 329 -25.87 -27.48 -6.43
C THR A 329 -24.73 -27.98 -7.30
N LYS A 330 -25.05 -28.60 -8.45
CA LYS A 330 -24.05 -28.85 -9.49
C LYS A 330 -23.51 -27.54 -10.08
N ASN A 331 -24.27 -26.45 -9.99
CA ASN A 331 -23.84 -25.16 -10.52
C ASN A 331 -22.88 -24.43 -9.59
N VAL A 332 -22.78 -24.83 -8.32
CA VAL A 332 -21.79 -24.21 -7.44
C VAL A 332 -20.49 -25.02 -7.44
N GLN A 333 -20.52 -26.27 -7.91
CA GLN A 333 -19.33 -27.09 -7.99
C GLN A 333 -18.64 -26.97 -9.34
N PHE A 334 -18.96 -25.93 -10.12
CA PHE A 334 -18.10 -25.50 -11.20
C PHE A 334 -17.72 -24.04 -11.04
N VAL A 335 -18.02 -23.46 -9.88
CA VAL A 335 -17.37 -22.24 -9.43
C VAL A 335 -16.67 -22.43 -8.09
N PHE A 336 -16.69 -23.64 -7.54
CA PHE A 336 -15.80 -24.01 -6.44
C PHE A 336 -14.55 -24.71 -6.97
N ASP A 337 -14.73 -25.73 -7.80
CA ASP A 337 -13.59 -26.47 -8.34
C ASP A 337 -12.82 -25.65 -9.36
N ALA A 338 -13.54 -24.97 -10.25
CA ALA A 338 -12.89 -24.19 -11.29
C ALA A 338 -12.29 -22.88 -10.77
N VAL A 339 -12.47 -22.55 -9.49
CA VAL A 339 -11.77 -21.45 -8.89
C VAL A 339 -10.69 -21.92 -7.90
N THR A 340 -10.83 -23.13 -7.34
CA THR A 340 -9.73 -23.64 -6.54
C THR A 340 -8.60 -24.15 -7.42
N ASP A 341 -8.88 -24.46 -8.69
CA ASP A 341 -7.80 -24.70 -9.64
C ASP A 341 -7.00 -23.42 -9.90
N VAL A 342 -7.68 -22.28 -10.00
CA VAL A 342 -7.00 -21.01 -10.23
C VAL A 342 -6.25 -20.58 -8.98
N ILE A 343 -6.82 -20.87 -7.80
CA ILE A 343 -6.15 -20.58 -6.53
C ILE A 343 -4.87 -21.40 -6.41
N ILE A 344 -4.93 -22.68 -6.74
CA ILE A 344 -3.72 -23.50 -6.62
C ILE A 344 -2.72 -23.21 -7.73
N LYS A 345 -3.17 -22.71 -8.89
CA LYS A 345 -2.22 -22.32 -9.93
C LYS A 345 -1.50 -21.03 -9.56
N ASN A 346 -2.22 -20.08 -8.96
CA ASN A 346 -1.58 -18.87 -8.46
C ASN A 346 -0.64 -19.16 -7.30
N ASN A 347 -1.00 -20.13 -6.45
CA ASN A 347 -0.09 -20.50 -5.37
C ASN A 347 1.16 -21.21 -5.88
N LEU A 348 1.05 -22.02 -6.94
CA LEU A 348 2.24 -22.60 -7.57
C LEU A 348 3.12 -21.54 -8.17
N LYS A 349 2.55 -20.63 -8.94
CA LYS A 349 3.34 -19.62 -9.63
C LYS A 349 3.71 -18.44 -8.74
N ASP A 350 3.28 -18.45 -7.47
CA ASP A 350 3.83 -17.56 -6.45
C ASP A 350 4.84 -18.26 -5.57
N CYS A 351 4.81 -19.60 -5.49
CA CYS A 351 5.98 -20.33 -5.01
C CYS A 351 7.13 -20.28 -6.00
N GLY A 352 6.84 -20.10 -7.28
CA GLY A 352 7.83 -20.35 -8.31
C GLY A 352 8.05 -21.81 -8.58
N LEU A 353 7.11 -22.67 -8.17
CA LEU A 353 7.35 -24.10 -8.16
C LEU A 353 7.26 -24.70 -9.55
N PHE A 354 6.09 -24.61 -10.18
CA PHE A 354 5.89 -25.20 -11.50
C PHE A 354 6.26 -24.20 -12.60
N ASP B 9 -33.15 22.96 -43.82
CA ASP B 9 -32.96 23.22 -42.39
C ASP B 9 -32.48 24.64 -42.12
N GLN B 10 -32.81 25.16 -40.94
CA GLN B 10 -32.47 26.53 -40.58
C GLN B 10 -31.56 26.61 -39.36
N LEU B 11 -31.93 25.96 -38.25
CA LEU B 11 -31.13 26.06 -37.04
C LEU B 11 -29.84 25.25 -37.16
N ARG B 12 -29.87 24.18 -37.96
CA ARG B 12 -28.64 23.44 -38.25
C ARG B 12 -27.67 24.28 -39.06
N GLN B 13 -28.17 25.01 -40.06
CA GLN B 13 -27.36 25.94 -40.84
C GLN B 13 -26.79 27.03 -39.94
N GLU B 14 -27.61 27.56 -39.02
CA GLU B 14 -27.16 28.63 -38.14
C GLU B 14 -26.14 28.13 -37.12
N ALA B 15 -26.31 26.92 -36.61
CA ALA B 15 -25.34 26.36 -35.66
C ALA B 15 -24.03 26.00 -36.35
N GLU B 16 -24.11 25.51 -37.59
CA GLU B 16 -22.91 25.20 -38.37
C GLU B 16 -22.11 26.47 -38.66
N GLN B 17 -22.78 27.53 -39.13
CA GLN B 17 -22.06 28.76 -39.39
C GLN B 17 -21.63 29.45 -38.10
N LEU B 18 -22.34 29.22 -36.99
CA LEU B 18 -21.92 29.76 -35.70
C LEU B 18 -20.61 29.14 -35.25
N LYS B 19 -20.53 27.80 -35.26
CA LYS B 19 -19.28 27.13 -34.86
C LYS B 19 -18.13 27.44 -35.82
N ASN B 20 -18.40 27.46 -37.13
CA ASN B 20 -17.31 27.68 -38.09
C ASN B 20 -16.83 29.13 -38.10
N GLN B 21 -17.72 30.11 -37.97
CA GLN B 21 -17.27 31.49 -37.96
C GLN B 21 -16.79 31.98 -36.58
N ILE B 22 -17.21 31.35 -35.48
CA ILE B 22 -16.52 31.60 -34.22
C ILE B 22 -15.12 30.96 -34.23
N ARG B 23 -14.96 29.80 -34.89
CA ARG B 23 -13.62 29.26 -35.09
C ARG B 23 -12.80 30.14 -36.04
N ASP B 24 -13.46 30.80 -37.00
CA ASP B 24 -12.77 31.76 -37.86
C ASP B 24 -12.38 33.04 -37.11
N ALA B 25 -13.21 33.47 -36.15
CA ALA B 25 -12.84 34.58 -35.28
C ALA B 25 -11.69 34.19 -34.36
N ARG B 26 -11.59 32.92 -34.00
CA ARG B 26 -10.42 32.43 -33.27
C ARG B 26 -9.18 32.42 -34.15
N LYS B 27 -9.31 31.89 -35.37
CA LYS B 27 -8.16 31.67 -36.25
C LYS B 27 -7.60 32.98 -36.81
N ALA B 28 -8.48 33.92 -37.18
CA ALA B 28 -8.03 35.16 -37.78
C ALA B 28 -7.30 36.05 -36.78
N CYS B 29 -7.64 35.94 -35.51
CA CYS B 29 -6.94 36.66 -34.45
C CYS B 29 -5.88 35.81 -33.76
N ALA B 30 -5.70 34.55 -34.18
CA ALA B 30 -4.65 33.68 -33.64
C ALA B 30 -3.31 34.17 -34.18
N ASP B 31 -2.46 34.63 -33.27
CA ASP B 31 -1.22 35.28 -33.69
C ASP B 31 -0.13 34.26 -34.03
N ALA B 32 0.32 33.50 -33.03
CA ALA B 32 1.43 32.56 -33.23
C ALA B 32 1.36 31.49 -32.15
N THR B 33 2.14 30.44 -32.35
CA THR B 33 2.23 29.36 -31.38
C THR B 33 3.04 29.82 -30.16
N LEU B 34 3.00 29.03 -29.09
CA LEU B 34 3.71 29.41 -27.87
C LEU B 34 5.22 29.27 -28.05
N SER B 35 5.66 28.18 -28.70
CA SER B 35 7.08 27.92 -28.91
C SER B 35 7.71 28.95 -29.84
N GLN B 36 6.92 29.54 -30.74
CA GLN B 36 7.40 30.58 -31.65
C GLN B 36 7.91 31.80 -30.88
N ILE B 37 7.31 32.09 -29.74
CA ILE B 37 7.82 33.19 -28.91
C ILE B 37 8.83 32.69 -27.89
N THR B 38 8.57 31.57 -27.21
CA THR B 38 9.48 31.15 -26.14
C THR B 38 10.68 30.32 -26.61
N ASN B 39 10.96 30.28 -27.93
CA ASN B 39 12.07 29.49 -28.45
C ASN B 39 13.43 29.99 -27.98
N ASN B 40 13.60 31.30 -27.85
CA ASN B 40 14.89 31.83 -27.46
C ASN B 40 15.18 31.70 -25.96
N ILE B 41 14.18 31.36 -25.15
CA ILE B 41 14.36 31.22 -23.72
C ILE B 41 15.07 29.90 -23.44
N ASP B 42 16.07 29.95 -22.56
CA ASP B 42 16.97 28.82 -22.35
C ASP B 42 16.27 27.68 -21.60
N PRO B 43 16.68 26.43 -21.85
CA PRO B 43 16.09 25.30 -21.11
C PRO B 43 16.53 25.21 -19.66
N VAL B 44 16.08 24.18 -18.97
CA VAL B 44 16.36 23.98 -17.55
C VAL B 44 17.23 22.77 -17.29
N GLY B 45 17.52 21.97 -18.30
CA GLY B 45 18.51 20.90 -18.18
C GLY B 45 17.86 19.57 -17.86
N ARG B 46 18.45 18.85 -16.91
CA ARG B 46 17.95 17.55 -16.46
C ARG B 46 17.63 17.66 -14.98
N ILE B 47 16.34 17.64 -14.65
CA ILE B 47 15.91 17.80 -13.25
C ILE B 47 15.96 16.40 -12.63
N GLN B 48 17.14 16.02 -12.16
CA GLN B 48 17.34 14.72 -11.54
C GLN B 48 16.74 14.76 -10.13
N MET B 49 15.49 14.33 -10.01
CA MET B 49 14.80 14.31 -8.73
C MET B 49 14.93 12.93 -8.10
N ARG B 50 15.19 12.91 -6.80
CA ARG B 50 15.49 11.69 -6.07
C ARG B 50 14.36 11.34 -5.14
N THR B 51 14.13 10.04 -4.98
CA THR B 51 13.18 9.51 -4.01
C THR B 51 13.70 9.75 -2.61
N ARG B 52 13.02 10.60 -1.85
CA ARG B 52 13.37 10.84 -0.45
C ARG B 52 12.59 9.91 0.47
N ARG B 53 11.27 9.95 0.38
CA ARG B 53 10.40 9.10 1.17
C ARG B 53 9.74 8.07 0.27
N THR B 54 9.55 6.87 0.81
CA THR B 54 8.76 5.84 0.18
C THR B 54 7.70 5.41 1.18
N LEU B 55 6.43 5.65 0.84
CA LEU B 55 5.34 5.41 1.76
C LEU B 55 4.75 4.04 1.45
N ARG B 56 4.93 3.11 2.38
CA ARG B 56 4.46 1.74 2.25
C ARG B 56 3.35 1.49 3.26
N GLY B 57 2.52 0.49 2.96
CA GLY B 57 1.44 0.14 3.87
C GLY B 57 0.17 -0.23 3.17
N HIS B 58 -0.02 0.27 1.96
CA HIS B 58 -1.13 -0.19 1.14
C HIS B 58 -0.84 -1.58 0.60
N LEU B 59 -1.91 -2.33 0.33
CA LEU B 59 -1.77 -3.72 -0.08
C LEU B 59 -2.53 -4.01 -1.37
N ALA B 60 -2.76 -3.00 -2.19
CA ALA B 60 -3.44 -3.13 -3.46
C ALA B 60 -3.09 -1.92 -4.31
N LYS B 61 -3.72 -1.80 -5.48
CA LYS B 61 -3.45 -0.67 -6.34
C LYS B 61 -3.94 0.62 -5.70
N ILE B 62 -3.22 1.71 -5.97
CA ILE B 62 -3.52 3.01 -5.40
C ILE B 62 -4.12 3.86 -6.51
N TYR B 63 -5.33 4.37 -6.28
CA TYR B 63 -6.09 4.95 -7.38
C TYR B 63 -6.05 6.48 -7.43
N ALA B 64 -6.05 7.14 -6.27
CA ALA B 64 -5.88 8.59 -6.25
C ALA B 64 -5.26 9.01 -4.93
N MET B 65 -4.92 10.30 -4.86
CA MET B 65 -4.11 10.84 -3.80
C MET B 65 -4.24 12.36 -3.80
N HIS B 66 -4.38 12.96 -2.63
CA HIS B 66 -4.45 14.40 -2.51
C HIS B 66 -3.57 14.89 -1.37
N TRP B 67 -2.81 15.95 -1.62
CA TRP B 67 -1.98 16.56 -0.60
C TRP B 67 -2.84 17.34 0.39
N GLY B 68 -2.28 17.57 1.57
CA GLY B 68 -2.89 18.50 2.49
C GLY B 68 -2.67 19.93 2.05
N THR B 69 -3.34 20.85 2.74
CA THR B 69 -3.16 22.26 2.43
C THR B 69 -1.93 22.87 3.08
N ASP B 70 -1.29 22.15 4.00
CA ASP B 70 -0.10 22.62 4.67
C ASP B 70 1.16 21.94 4.17
N SER B 71 1.10 21.30 3.00
CA SER B 71 2.23 20.67 2.30
C SER B 71 2.88 19.55 3.11
N ARG B 72 2.18 18.95 4.05
CA ARG B 72 2.81 17.95 4.90
C ARG B 72 1.97 16.68 4.97
N LEU B 73 0.66 16.79 4.81
CA LEU B 73 -0.23 15.64 4.99
C LEU B 73 -0.76 15.14 3.66
N LEU B 74 -1.06 13.85 3.61
CA LEU B 74 -1.52 13.19 2.39
C LEU B 74 -2.72 12.31 2.70
N VAL B 75 -3.61 12.15 1.71
CA VAL B 75 -4.52 11.01 1.65
C VAL B 75 -4.12 10.14 0.48
N SER B 76 -4.25 8.84 0.65
CA SER B 76 -4.13 7.90 -0.45
C SER B 76 -5.24 6.88 -0.31
N ALA B 77 -5.91 6.59 -1.42
CA ALA B 77 -7.03 5.68 -1.46
C ALA B 77 -6.68 4.48 -2.32
N SER B 78 -6.86 3.28 -1.79
CA SER B 78 -6.43 2.10 -2.51
C SER B 78 -7.59 1.16 -2.80
N GLN B 79 -7.28 0.10 -3.55
CA GLN B 79 -8.28 -0.85 -4.01
C GLN B 79 -8.74 -1.80 -2.91
N ASP B 80 -7.94 -1.98 -1.85
CA ASP B 80 -8.32 -2.89 -0.78
C ASP B 80 -9.23 -2.23 0.26
N GLY B 81 -9.81 -1.09 -0.07
CA GLY B 81 -10.78 -0.45 0.80
C GLY B 81 -10.11 0.20 1.99
N LYS B 82 -9.07 0.98 1.72
CA LYS B 82 -8.36 1.68 2.77
C LYS B 82 -8.03 3.08 2.32
N LEU B 83 -8.22 4.02 3.23
CA LEU B 83 -7.85 5.40 3.04
C LEU B 83 -6.85 5.78 4.12
N ILE B 84 -5.66 6.20 3.72
CA ILE B 84 -4.57 6.42 4.65
C ILE B 84 -4.15 7.88 4.58
N ILE B 85 -4.11 8.54 5.74
CA ILE B 85 -3.62 9.90 5.88
C ILE B 85 -2.21 9.83 6.44
N TRP B 86 -1.26 10.31 5.65
CA TRP B 86 0.17 10.22 5.90
C TRP B 86 0.71 11.55 6.40
N ASP B 87 1.61 11.47 7.38
CA ASP B 87 2.55 12.55 7.66
C ASP B 87 3.75 12.34 6.75
N SER B 88 3.90 13.21 5.76
CA SER B 88 4.87 12.99 4.70
C SER B 88 6.27 13.50 5.04
N TYR B 89 6.51 13.93 6.26
CA TYR B 89 7.85 14.32 6.67
C TYR B 89 8.56 13.21 7.42
N THR B 90 7.83 12.45 8.24
CA THR B 90 8.39 11.34 8.98
C THR B 90 7.89 9.99 8.49
N THR B 91 7.16 9.98 7.36
CA THR B 91 6.52 8.79 6.77
C THR B 91 5.64 8.04 7.77
N ASN B 92 4.92 8.80 8.58
CA ASN B 92 4.03 8.23 9.57
C ASN B 92 2.59 8.28 9.07
N LYS B 93 1.83 7.26 9.42
CA LYS B 93 0.42 7.19 9.07
C LYS B 93 -0.37 7.89 10.16
N VAL B 94 -0.94 9.04 9.83
CA VAL B 94 -1.74 9.77 10.81
C VAL B 94 -3.06 9.07 11.05
N HIS B 95 -3.73 8.64 9.97
CA HIS B 95 -5.04 8.01 10.08
C HIS B 95 -5.17 6.86 9.09
N ALA B 96 -6.00 5.88 9.44
CA ALA B 96 -6.42 4.83 8.52
C ALA B 96 -7.92 4.64 8.64
N ILE B 97 -8.63 4.86 7.55
CA ILE B 97 -10.08 4.87 7.47
C ILE B 97 -10.52 3.66 6.65
N PRO B 98 -11.24 2.71 7.24
CA PRO B 98 -11.83 1.60 6.46
C PRO B 98 -13.09 2.05 5.76
N LEU B 99 -13.05 2.02 4.43
CA LEU B 99 -14.19 2.40 3.62
C LEU B 99 -15.25 1.30 3.64
N ARG B 100 -16.45 1.63 3.17
CA ARG B 100 -17.48 0.62 3.03
C ARG B 100 -17.26 -0.22 1.77
N SER B 101 -17.25 0.44 0.62
CA SER B 101 -17.03 -0.22 -0.66
C SER B 101 -15.56 -0.07 -1.04
N SER B 102 -14.91 -1.17 -1.37
CA SER B 102 -13.50 -1.15 -1.75
C SER B 102 -13.27 -0.70 -3.18
N TRP B 103 -14.30 -0.25 -3.89
CA TRP B 103 -14.15 0.21 -5.27
C TRP B 103 -14.04 1.72 -5.31
N VAL B 104 -12.96 2.23 -4.75
CA VAL B 104 -12.74 3.66 -4.58
C VAL B 104 -11.81 4.16 -5.66
N MET B 105 -12.26 5.15 -6.42
CA MET B 105 -11.53 5.63 -7.58
C MET B 105 -10.99 7.04 -7.43
N THR B 106 -11.34 7.74 -6.35
CA THR B 106 -10.89 9.11 -6.15
C THR B 106 -10.93 9.43 -4.67
N CYS B 107 -10.20 10.47 -4.29
CA CYS B 107 -10.21 10.92 -2.90
C CYS B 107 -9.70 12.35 -2.85
N ALA B 108 -10.08 13.07 -1.79
CA ALA B 108 -9.76 14.49 -1.68
C ALA B 108 -9.48 14.88 -0.25
N TYR B 109 -8.78 16.00 -0.07
CA TYR B 109 -8.48 16.57 1.23
C TYR B 109 -9.11 17.95 1.34
N ALA B 110 -9.68 18.24 2.50
CA ALA B 110 -10.28 19.54 2.74
C ALA B 110 -9.20 20.62 2.84
N PRO B 111 -9.48 21.84 2.39
CA PRO B 111 -8.48 22.91 2.49
C PRO B 111 -8.31 23.46 3.90
N SER B 112 -9.03 22.96 4.89
CA SER B 112 -8.81 23.28 6.28
C SER B 112 -8.30 22.09 7.07
N GLY B 113 -8.10 20.94 6.42
CA GLY B 113 -7.62 19.76 7.10
C GLY B 113 -8.63 19.07 7.97
N ASN B 114 -9.91 19.43 7.87
CA ASN B 114 -10.92 18.88 8.76
C ASN B 114 -11.52 17.60 8.19
N TYR B 115 -11.97 17.64 6.94
CA TYR B 115 -12.75 16.56 6.36
C TYR B 115 -11.98 15.85 5.25
N VAL B 116 -12.50 14.70 4.85
CA VAL B 116 -11.91 13.95 3.74
C VAL B 116 -13.00 13.20 2.98
N ALA B 117 -13.09 13.44 1.67
CA ALA B 117 -14.14 12.87 0.84
C ALA B 117 -13.56 11.81 -0.06
N CYS B 118 -14.29 10.71 -0.23
CA CYS B 118 -13.76 9.59 -0.98
C CYS B 118 -14.94 8.85 -1.59
N GLY B 119 -14.80 8.41 -2.83
CA GLY B 119 -15.89 7.72 -3.50
C GLY B 119 -15.50 6.81 -4.64
N GLY B 120 -16.48 6.27 -5.36
CA GLY B 120 -16.15 5.36 -6.43
C GLY B 120 -17.31 4.70 -7.16
N LEU B 121 -17.25 3.37 -7.31
CA LEU B 121 -18.22 2.62 -8.10
C LEU B 121 -19.57 2.46 -7.43
N ASP B 122 -19.71 2.74 -6.13
CA ASP B 122 -20.99 2.60 -5.46
C ASP B 122 -21.81 3.89 -5.50
N ASN B 123 -21.41 4.83 -6.34
CA ASN B 123 -22.13 6.06 -6.69
C ASN B 123 -22.34 6.99 -5.50
N ILE B 124 -21.58 6.83 -4.43
CA ILE B 124 -21.80 7.56 -3.18
C ILE B 124 -20.49 8.23 -2.80
N CYS B 125 -20.52 9.55 -2.65
CA CYS B 125 -19.36 10.31 -2.21
C CYS B 125 -19.40 10.40 -0.70
N SER B 126 -18.63 9.57 0.00
CA SER B 126 -18.62 9.65 1.44
C SER B 126 -17.76 10.83 1.86
N ILE B 127 -18.15 11.48 2.95
CA ILE B 127 -17.38 12.59 3.52
C ILE B 127 -17.21 12.30 5.00
N TYR B 128 -15.95 12.16 5.41
CA TYR B 128 -15.52 11.78 6.75
C TYR B 128 -15.00 13.00 7.51
N ASN B 129 -15.12 12.94 8.83
CA ASN B 129 -14.74 14.04 9.72
C ASN B 129 -13.59 13.55 10.58
N LEU B 130 -12.45 14.23 10.49
CA LEU B 130 -11.25 13.79 11.21
C LEU B 130 -11.13 14.44 12.57
N LYS B 131 -11.42 15.74 12.67
CA LYS B 131 -11.27 16.49 13.91
C LYS B 131 -12.56 16.35 14.71
N THR B 132 -12.75 15.17 15.29
CA THR B 132 -13.91 14.93 16.11
C THR B 132 -13.59 15.18 17.58
N ARG B 133 -14.61 15.00 18.41
CA ARG B 133 -14.48 15.02 19.85
C ARG B 133 -14.25 13.64 20.43
N GLU B 134 -14.41 12.59 19.63
CA GLU B 134 -14.32 11.21 20.10
C GLU B 134 -13.04 10.51 19.69
N GLY B 135 -12.27 11.08 18.77
CA GLY B 135 -10.98 10.49 18.43
C GLY B 135 -11.01 9.35 17.45
N ASN B 136 -12.12 9.15 16.75
CA ASN B 136 -12.15 8.26 15.60
C ASN B 136 -12.59 9.07 14.39
N VAL B 137 -12.72 8.40 13.26
CA VAL B 137 -13.15 9.04 12.02
C VAL B 137 -14.49 8.44 11.63
N ARG B 138 -15.56 9.18 11.90
CA ARG B 138 -16.90 8.77 11.54
C ARG B 138 -17.28 9.38 10.19
N VAL B 139 -18.20 8.71 9.50
CA VAL B 139 -18.69 9.23 8.22
C VAL B 139 -19.65 10.36 8.51
N SER B 140 -19.27 11.58 8.11
CA SER B 140 -20.15 12.72 8.35
C SER B 140 -21.37 12.66 7.45
N ARG B 141 -21.16 12.68 6.13
CA ARG B 141 -22.29 12.70 5.19
C ARG B 141 -21.97 11.88 3.95
N GLU B 142 -22.86 10.95 3.62
CA GLU B 142 -22.75 10.19 2.38
C GLU B 142 -23.60 10.87 1.32
N LEU B 143 -22.97 11.62 0.42
CA LEU B 143 -23.70 12.27 -0.66
C LEU B 143 -24.08 11.22 -1.69
N ALA B 144 -25.37 10.90 -1.77
CA ALA B 144 -25.91 9.98 -2.74
C ALA B 144 -26.88 10.72 -3.66
N GLY B 145 -27.02 10.21 -4.87
CA GLY B 145 -27.85 10.87 -5.87
C GLY B 145 -27.26 10.79 -7.26
N HIS B 146 -26.10 10.16 -7.37
CA HIS B 146 -25.52 9.87 -8.66
C HIS B 146 -25.94 8.47 -9.10
N THR B 147 -26.08 8.30 -10.41
CA THR B 147 -26.56 7.04 -10.97
C THR B 147 -25.43 6.23 -11.61
N GLY B 148 -24.18 6.50 -11.22
CA GLY B 148 -23.06 5.76 -11.75
C GLY B 148 -21.80 6.15 -11.01
N TYR B 149 -20.68 5.63 -11.49
CA TYR B 149 -19.43 5.70 -10.75
C TYR B 149 -18.92 7.13 -10.68
N LEU B 150 -18.11 7.39 -9.66
CA LEU B 150 -17.74 8.74 -9.23
C LEU B 150 -16.25 8.97 -9.45
N SER B 151 -15.89 10.21 -9.75
CA SER B 151 -14.49 10.59 -9.91
C SER B 151 -14.30 12.07 -9.54
N CYS B 152 -13.14 12.36 -8.95
CA CYS B 152 -12.65 13.69 -8.60
C CYS B 152 -13.62 14.45 -7.68
N CYS B 153 -13.72 13.94 -6.45
CA CYS B 153 -14.14 14.78 -5.35
C CYS B 153 -13.16 15.93 -5.21
N ARG B 154 -13.66 17.15 -5.02
CA ARG B 154 -12.78 18.31 -4.87
C ARG B 154 -13.44 19.29 -3.91
N PHE B 155 -12.86 19.44 -2.73
CA PHE B 155 -13.44 20.31 -1.70
C PHE B 155 -13.26 21.77 -2.04
N LEU B 156 -14.34 22.55 -1.90
CA LEU B 156 -14.29 24.00 -2.02
C LEU B 156 -14.09 24.66 -0.66
N ASP B 157 -15.04 24.46 0.24
CA ASP B 157 -14.95 24.87 1.64
C ASP B 157 -15.18 23.64 2.48
N ASP B 158 -15.45 23.80 3.77
CA ASP B 158 -15.86 22.66 4.57
C ASP B 158 -17.33 22.29 4.40
N ASN B 159 -18.07 23.01 3.57
CA ASN B 159 -19.50 22.78 3.37
C ASN B 159 -19.89 22.76 1.90
N GLN B 160 -18.95 22.48 0.99
CA GLN B 160 -19.23 22.65 -0.42
C GLN B 160 -18.21 21.84 -1.21
N ILE B 161 -18.69 20.94 -2.08
CA ILE B 161 -17.84 19.95 -2.74
C ILE B 161 -18.34 19.70 -4.15
N VAL B 162 -17.42 19.66 -5.12
CA VAL B 162 -17.75 19.28 -6.49
C VAL B 162 -17.40 17.82 -6.68
N THR B 163 -18.26 17.07 -7.37
CA THR B 163 -17.97 15.68 -7.70
C THR B 163 -18.32 15.41 -9.15
N SER B 164 -17.39 14.81 -9.90
CA SER B 164 -17.67 14.31 -11.23
C SER B 164 -18.19 12.89 -11.16
N SER B 165 -18.88 12.47 -12.22
CA SER B 165 -19.41 11.11 -12.27
C SER B 165 -19.45 10.62 -13.70
N GLY B 166 -19.80 9.34 -13.84
CA GLY B 166 -20.07 8.71 -15.12
C GLY B 166 -21.48 8.91 -15.63
N ASP B 167 -22.25 9.79 -14.99
CA ASP B 167 -23.60 10.10 -15.40
C ASP B 167 -23.66 11.23 -16.40
N THR B 168 -22.54 11.50 -17.10
CA THR B 168 -22.32 12.61 -18.02
C THR B 168 -22.49 13.98 -17.36
N THR B 169 -22.48 14.06 -16.03
CA THR B 169 -22.76 15.31 -15.34
C THR B 169 -21.94 15.39 -14.06
N CYS B 170 -21.53 16.60 -13.71
CA CYS B 170 -20.89 16.88 -12.44
C CYS B 170 -21.89 17.57 -11.52
N ALA B 171 -21.55 17.62 -10.24
CA ALA B 171 -22.53 18.07 -9.25
C ALA B 171 -21.84 18.81 -8.13
N LEU B 172 -22.29 20.03 -7.87
CA LEU B 172 -21.88 20.78 -6.69
C LEU B 172 -22.87 20.48 -5.58
N TRP B 173 -22.39 19.90 -4.49
CA TRP B 173 -23.24 19.44 -3.40
C TRP B 173 -23.26 20.49 -2.30
N ASP B 174 -23.86 20.12 -1.17
CA ASP B 174 -23.91 20.98 0.02
C ASP B 174 -23.92 20.01 1.20
N ILE B 175 -22.81 19.97 1.94
CA ILE B 175 -22.57 18.91 2.90
C ILE B 175 -23.47 19.04 4.13
N GLU B 176 -23.99 20.23 4.39
CA GLU B 176 -24.83 20.44 5.56
C GLU B 176 -26.19 19.76 5.39
N THR B 177 -26.95 20.16 4.36
CA THR B 177 -28.24 19.54 4.11
C THR B 177 -28.07 18.15 3.51
N GLY B 178 -27.23 18.03 2.48
CA GLY B 178 -26.94 16.75 1.86
C GLY B 178 -27.44 16.62 0.45
N GLN B 179 -28.06 17.64 -0.13
CA GLN B 179 -28.66 17.55 -1.44
C GLN B 179 -27.76 18.17 -2.50
N GLN B 180 -27.89 17.66 -3.71
CA GLN B 180 -27.17 18.16 -4.88
C GLN B 180 -27.66 19.57 -5.20
N THR B 181 -26.83 20.57 -4.89
CA THR B 181 -27.26 21.96 -5.03
C THR B 181 -27.26 22.41 -6.48
N THR B 182 -26.13 22.27 -7.16
CA THR B 182 -26.02 22.66 -8.56
C THR B 182 -25.66 21.44 -9.38
N THR B 183 -26.22 21.35 -10.59
CA THR B 183 -25.98 20.23 -11.47
C THR B 183 -25.45 20.76 -12.80
N PHE B 184 -24.28 20.27 -13.21
CA PHE B 184 -23.62 20.70 -14.44
C PHE B 184 -23.73 19.56 -15.44
N THR B 185 -24.57 19.76 -16.46
CA THR B 185 -24.76 18.79 -17.53
C THR B 185 -24.20 19.35 -18.82
N GLY B 186 -23.96 18.46 -19.77
CA GLY B 186 -23.41 18.89 -21.04
C GLY B 186 -22.41 17.93 -21.67
N HIS B 187 -22.03 16.90 -20.93
CA HIS B 187 -21.12 15.91 -21.47
C HIS B 187 -21.92 14.78 -22.13
N THR B 188 -21.23 14.03 -22.99
CA THR B 188 -21.83 12.91 -23.74
C THR B 188 -21.05 11.64 -23.50
N GLY B 189 -20.76 11.36 -22.24
CA GLY B 189 -19.99 10.20 -21.85
C GLY B 189 -19.54 10.36 -20.42
N ASP B 190 -18.85 9.33 -19.93
CA ASP B 190 -18.36 9.35 -18.55
C ASP B 190 -17.34 10.47 -18.35
N VAL B 191 -17.53 11.24 -17.30
CA VAL B 191 -16.66 12.36 -16.99
C VAL B 191 -15.62 11.84 -16.00
N MET B 192 -14.36 11.84 -16.42
CA MET B 192 -13.32 11.12 -15.70
C MET B 192 -12.57 11.97 -14.68
N SER B 193 -12.62 13.29 -14.80
CA SER B 193 -11.80 14.12 -13.94
C SER B 193 -12.37 15.52 -13.83
N LEU B 194 -11.99 16.20 -12.74
CA LEU B 194 -12.17 17.63 -12.62
C LEU B 194 -11.07 18.17 -11.73
N SER B 195 -10.84 19.48 -11.83
CA SER B 195 -9.81 20.13 -11.03
C SER B 195 -10.31 21.50 -10.63
N LEU B 196 -10.28 21.80 -9.34
CA LEU B 196 -10.77 23.08 -8.87
C LEU B 196 -9.77 24.19 -9.17
N ALA B 197 -10.29 25.37 -9.48
CA ALA B 197 -9.44 26.51 -9.73
C ALA B 197 -8.82 27.00 -8.42
N PRO B 198 -7.66 27.66 -8.48
CA PRO B 198 -7.05 28.16 -7.24
C PRO B 198 -7.84 29.26 -6.55
N ASP B 199 -8.68 30.01 -7.26
CA ASP B 199 -9.56 30.97 -6.59
C ASP B 199 -10.88 30.35 -6.17
N THR B 200 -11.08 29.06 -6.46
CA THR B 200 -12.22 28.24 -6.01
C THR B 200 -13.57 28.83 -6.43
N ARG B 201 -13.64 29.33 -7.66
CA ARG B 201 -14.89 29.84 -8.22
C ARG B 201 -15.14 29.32 -9.63
N LEU B 202 -14.24 28.51 -10.17
CA LEU B 202 -14.42 27.86 -11.46
C LEU B 202 -13.90 26.44 -11.34
N PHE B 203 -14.21 25.61 -12.34
CA PHE B 203 -13.55 24.32 -12.48
C PHE B 203 -13.65 23.89 -13.93
N VAL B 204 -12.80 22.93 -14.29
CA VAL B 204 -12.83 22.33 -15.61
C VAL B 204 -13.05 20.84 -15.44
N SER B 205 -13.62 20.20 -16.45
CA SER B 205 -13.87 18.77 -16.38
C SER B 205 -13.57 18.13 -17.72
N GLY B 206 -12.95 16.96 -17.69
CA GLY B 206 -12.64 16.20 -18.89
C GLY B 206 -13.39 14.89 -18.89
N ALA B 207 -13.89 14.50 -20.05
CA ALA B 207 -14.76 13.34 -20.13
C ALA B 207 -14.31 12.39 -21.23
N CYS B 208 -14.99 11.25 -21.31
CA CYS B 208 -14.66 10.18 -22.23
C CYS B 208 -15.12 10.45 -23.66
N ASP B 209 -15.74 11.60 -23.95
CA ASP B 209 -16.10 11.96 -25.31
C ASP B 209 -15.05 12.85 -25.97
N ALA B 210 -13.79 12.71 -25.54
CA ALA B 210 -12.61 13.42 -26.09
C ALA B 210 -12.76 14.93 -25.99
N SER B 211 -13.23 15.41 -24.83
CA SER B 211 -13.49 16.82 -24.66
C SER B 211 -13.37 17.20 -23.19
N ALA B 212 -12.99 18.45 -22.95
CA ALA B 212 -13.09 19.09 -21.66
C ALA B 212 -14.00 20.30 -21.78
N LYS B 213 -14.47 20.79 -20.64
CA LYS B 213 -15.25 22.02 -20.62
C LYS B 213 -15.08 22.74 -19.29
N LEU B 214 -14.99 24.07 -19.39
CA LEU B 214 -14.85 24.96 -18.25
C LEU B 214 -16.23 25.40 -17.79
N TRP B 215 -16.53 25.09 -16.53
CA TRP B 215 -17.79 25.36 -15.87
C TRP B 215 -17.58 26.35 -14.73
N ASP B 216 -18.61 27.14 -14.45
CA ASP B 216 -18.64 28.03 -13.30
C ASP B 216 -19.42 27.37 -12.18
N VAL B 217 -18.82 27.33 -10.99
CA VAL B 217 -19.44 26.66 -9.85
C VAL B 217 -20.55 27.51 -9.24
N ARG B 218 -20.64 28.79 -9.59
CA ARG B 218 -21.64 29.69 -9.02
C ARG B 218 -22.97 29.59 -9.75
N GLU B 219 -22.94 29.67 -11.09
CA GLU B 219 -24.16 29.79 -11.87
C GLU B 219 -24.55 28.50 -12.60
N GLY B 220 -23.71 27.47 -12.56
CA GLY B 220 -23.98 26.28 -13.36
C GLY B 220 -23.86 26.52 -14.85
N MET B 221 -22.98 27.42 -15.26
CA MET B 221 -22.89 27.90 -16.63
C MET B 221 -21.84 27.12 -17.41
N CYS B 222 -22.23 26.66 -18.60
CA CYS B 222 -21.27 26.04 -19.52
C CYS B 222 -20.48 27.13 -20.23
N ARG B 223 -19.38 27.56 -19.61
CA ARG B 223 -18.70 28.75 -20.10
C ARG B 223 -17.84 28.45 -21.32
N GLN B 224 -17.08 27.36 -21.31
CA GLN B 224 -16.19 27.12 -22.44
C GLN B 224 -16.12 25.63 -22.71
N THR B 225 -15.87 25.25 -23.97
CA THR B 225 -15.57 23.88 -24.34
C THR B 225 -14.17 23.82 -24.95
N PHE B 226 -13.61 22.61 -25.00
CA PHE B 226 -12.21 22.42 -25.31
C PHE B 226 -12.03 21.04 -25.95
N THR B 227 -11.61 21.01 -27.21
CA THR B 227 -11.37 19.77 -27.94
C THR B 227 -9.90 19.72 -28.38
N GLY B 228 -9.54 18.60 -29.00
CA GLY B 228 -8.19 18.47 -29.53
C GLY B 228 -7.59 17.08 -29.43
N HIS B 229 -8.21 16.20 -28.65
CA HIS B 229 -7.69 14.86 -28.45
C HIS B 229 -8.32 13.90 -29.45
N GLU B 230 -7.88 12.65 -29.42
CA GLU B 230 -8.59 11.58 -30.10
C GLU B 230 -9.23 10.59 -29.13
N SER B 231 -8.79 10.56 -27.88
CA SER B 231 -9.30 9.58 -26.93
C SER B 231 -9.79 10.26 -25.66
N ASP B 232 -10.10 9.47 -24.64
CA ASP B 232 -10.66 9.99 -23.41
C ASP B 232 -9.60 10.73 -22.60
N ILE B 233 -10.05 11.75 -21.86
CA ILE B 233 -9.18 12.52 -20.99
C ILE B 233 -9.20 11.88 -19.61
N ASN B 234 -8.03 11.48 -19.12
CA ASN B 234 -7.95 10.65 -17.92
C ASN B 234 -7.67 11.44 -16.65
N ALA B 235 -6.97 12.57 -16.74
CA ALA B 235 -6.76 13.41 -15.57
C ALA B 235 -6.48 14.84 -16.00
N ILE B 236 -6.57 15.75 -15.04
CA ILE B 236 -6.61 17.17 -15.31
C ILE B 236 -6.11 17.92 -14.08
N CYS B 237 -5.50 19.08 -14.32
CA CYS B 237 -5.12 20.06 -13.30
C CYS B 237 -5.00 21.43 -13.94
N PHE B 238 -4.93 22.46 -13.08
CA PHE B 238 -4.78 23.85 -13.48
C PHE B 238 -3.33 24.31 -13.42
N PHE B 239 -2.98 25.22 -14.33
CA PHE B 239 -1.83 26.09 -14.13
C PHE B 239 -2.03 26.87 -12.84
N PRO B 240 -0.99 27.02 -12.00
CA PRO B 240 -1.21 27.51 -10.63
C PRO B 240 -1.66 28.96 -10.51
N ASN B 241 -1.74 29.73 -11.59
CA ASN B 241 -2.35 31.05 -11.52
C ASN B 241 -3.79 31.04 -11.98
N GLY B 242 -4.31 29.89 -12.40
CA GLY B 242 -5.71 29.76 -12.78
C GLY B 242 -6.09 30.45 -14.07
N ASN B 243 -5.27 30.33 -15.10
CA ASN B 243 -5.59 30.90 -16.41
C ASN B 243 -5.29 29.93 -17.55
N ALA B 244 -4.84 28.73 -17.24
CA ALA B 244 -4.60 27.70 -18.25
C ALA B 244 -4.71 26.36 -17.55
N PHE B 245 -4.86 25.30 -18.33
CA PHE B 245 -4.94 23.97 -17.74
C PHE B 245 -4.49 22.92 -18.75
N ALA B 246 -3.94 21.83 -18.22
CA ALA B 246 -3.34 20.78 -19.04
C ALA B 246 -4.02 19.46 -18.74
N THR B 247 -4.44 18.79 -19.80
CA THR B 247 -5.13 17.51 -19.73
C THR B 247 -4.20 16.42 -20.23
N GLY B 248 -4.52 15.19 -19.87
CA GLY B 248 -3.75 14.06 -20.33
C GLY B 248 -4.62 12.94 -20.85
N SER B 249 -4.45 12.56 -22.12
CA SER B 249 -5.34 11.55 -22.69
C SER B 249 -4.80 10.13 -22.59
N ASP B 250 -5.44 9.22 -23.31
CA ASP B 250 -4.84 7.94 -23.69
C ASP B 250 -4.28 8.00 -25.10
N ASP B 251 -4.24 9.19 -25.69
CA ASP B 251 -3.59 9.50 -26.95
C ASP B 251 -2.07 9.59 -26.81
N ALA B 252 -1.56 9.40 -25.58
CA ALA B 252 -0.19 9.73 -25.18
C ALA B 252 0.13 11.19 -25.49
N THR B 253 -0.84 12.06 -25.24
CA THR B 253 -0.67 13.50 -25.36
C THR B 253 -1.16 14.16 -24.09
N CYS B 254 -0.27 14.91 -23.44
CA CYS B 254 -0.66 15.99 -22.55
C CYS B 254 -0.80 17.24 -23.38
N ARG B 255 -1.84 18.02 -23.10
CA ARG B 255 -2.10 19.22 -23.85
C ARG B 255 -2.36 20.37 -22.90
N LEU B 256 -1.86 21.54 -23.27
CA LEU B 256 -2.06 22.77 -22.50
C LEU B 256 -3.00 23.65 -23.31
N PHE B 257 -4.18 23.89 -22.74
CA PHE B 257 -5.19 24.82 -23.25
C PHE B 257 -5.19 26.09 -22.41
N ASP B 258 -5.42 27.23 -23.05
CA ASP B 258 -5.67 28.48 -22.35
C ASP B 258 -7.16 28.71 -22.24
N LEU B 259 -7.59 29.14 -21.05
CA LEU B 259 -9.01 29.38 -20.81
C LEU B 259 -9.54 30.59 -21.58
N ARG B 260 -8.68 31.53 -21.95
CA ARG B 260 -9.08 32.74 -22.64
C ARG B 260 -8.82 32.68 -24.13
N ALA B 261 -7.75 32.02 -24.56
CA ALA B 261 -7.44 31.89 -25.99
C ALA B 261 -8.23 30.79 -26.67
N ASP B 262 -8.99 30.00 -25.91
CA ASP B 262 -10.03 29.08 -26.39
C ASP B 262 -9.53 27.90 -27.23
N GLN B 263 -8.22 27.78 -27.42
CA GLN B 263 -7.64 26.63 -28.12
C GLN B 263 -6.50 26.08 -27.29
N GLU B 264 -5.93 24.97 -27.75
CA GLU B 264 -4.77 24.40 -27.08
C GLU B 264 -3.54 25.27 -27.32
N LEU B 265 -2.84 25.62 -26.24
CA LEU B 265 -1.58 26.32 -26.38
C LEU B 265 -0.53 25.40 -27.01
N MET B 266 -0.22 24.29 -26.33
CA MET B 266 0.78 23.40 -26.94
C MET B 266 0.66 21.97 -26.43
N THR B 267 1.19 21.04 -27.24
CA THR B 267 1.09 19.61 -27.02
C THR B 267 2.37 19.08 -26.38
N TYR B 268 2.23 18.09 -25.50
CA TYR B 268 3.35 17.59 -24.72
C TYR B 268 3.59 16.11 -24.96
N SER B 269 3.66 15.69 -26.21
CA SER B 269 3.89 14.29 -26.57
C SER B 269 5.30 14.09 -27.09
N HIS B 270 5.76 12.84 -27.00
CA HIS B 270 6.99 12.41 -27.62
C HIS B 270 6.72 11.18 -28.47
N ASP B 271 7.51 11.01 -29.53
CA ASP B 271 7.27 9.94 -30.49
C ASP B 271 7.60 8.57 -29.89
N ASN B 272 8.54 8.52 -28.93
CA ASN B 272 8.93 7.26 -28.31
C ASN B 272 7.89 6.74 -27.34
N ILE B 273 6.89 7.55 -26.98
CA ILE B 273 5.90 7.17 -25.99
C ILE B 273 4.90 6.20 -26.63
N ILE B 274 4.63 5.09 -25.94
CA ILE B 274 3.75 4.05 -26.43
C ILE B 274 2.35 4.17 -25.84
N CYS B 275 2.25 4.51 -24.55
CA CYS B 275 1.01 4.42 -23.79
C CYS B 275 0.59 5.78 -23.28
N GLY B 276 -0.67 5.86 -22.80
CA GLY B 276 -1.28 7.13 -22.49
C GLY B 276 -1.07 7.60 -21.06
N ILE B 277 -1.39 8.88 -20.84
CA ILE B 277 -1.16 9.58 -19.58
C ILE B 277 -2.26 9.23 -18.59
N THR B 278 -1.88 8.93 -17.35
CA THR B 278 -2.83 8.67 -16.29
C THR B 278 -3.03 9.84 -15.34
N SER B 279 -2.02 10.68 -15.13
CA SER B 279 -2.14 11.79 -14.19
C SER B 279 -1.35 12.98 -14.68
N VAL B 280 -1.74 14.16 -14.22
CA VAL B 280 -1.14 15.42 -14.63
C VAL B 280 -1.09 16.32 -13.40
N SER B 281 0.05 16.98 -13.19
CA SER B 281 0.14 17.99 -12.14
C SER B 281 0.97 19.15 -12.67
N PHE B 282 1.37 20.05 -11.76
CA PHE B 282 2.19 21.19 -12.10
C PHE B 282 3.09 21.55 -10.92
N SER B 283 4.25 22.09 -11.23
CA SER B 283 5.09 22.67 -10.20
C SER B 283 4.54 24.03 -9.79
N LYS B 284 5.04 24.54 -8.65
CA LYS B 284 4.49 25.76 -8.09
C LYS B 284 4.80 26.98 -8.95
N SER B 285 5.90 26.96 -9.69
CA SER B 285 6.17 28.04 -10.62
C SER B 285 5.47 27.85 -11.96
N GLY B 286 4.78 26.73 -12.17
CA GLY B 286 4.19 26.46 -13.45
C GLY B 286 5.19 26.15 -14.53
N ARG B 287 6.36 25.64 -14.15
CA ARG B 287 7.44 25.31 -15.09
C ARG B 287 7.56 23.82 -15.33
N LEU B 288 7.33 22.98 -14.33
CA LEU B 288 7.46 21.54 -14.48
C LEU B 288 6.07 20.93 -14.55
N LEU B 289 5.57 20.74 -15.78
CA LEU B 289 4.35 19.96 -15.96
C LEU B 289 4.71 18.49 -15.75
N LEU B 290 4.29 17.93 -14.63
CA LEU B 290 4.56 16.52 -14.46
C LEU B 290 3.47 15.71 -15.14
N ALA B 291 3.78 14.44 -15.43
CA ALA B 291 2.79 13.57 -16.07
C ALA B 291 3.13 12.13 -15.76
N GLY B 292 2.25 11.44 -15.05
CA GLY B 292 2.42 10.02 -14.84
C GLY B 292 1.90 9.23 -16.03
N TYR B 293 2.64 8.19 -16.41
CA TYR B 293 2.31 7.44 -17.62
C TYR B 293 1.93 6.02 -17.26
N ASP B 294 1.49 5.28 -18.29
CA ASP B 294 0.97 3.94 -18.10
C ASP B 294 2.03 2.86 -18.20
N ASP B 295 3.21 3.15 -18.74
CA ASP B 295 4.24 2.13 -18.77
C ASP B 295 4.76 1.78 -17.37
N PHE B 296 5.62 2.62 -16.80
CA PHE B 296 5.99 2.52 -15.40
C PHE B 296 6.23 3.89 -14.76
N ASN B 297 6.42 4.91 -15.58
CA ASN B 297 7.23 6.07 -15.22
C ASN B 297 6.40 7.32 -14.96
N CYS B 298 7.10 8.35 -14.49
CA CYS B 298 6.62 9.72 -14.52
C CYS B 298 7.58 10.53 -15.34
N ASN B 299 7.08 11.48 -16.11
CA ASN B 299 7.94 12.35 -16.89
C ASN B 299 7.73 13.79 -16.45
N VAL B 300 8.82 14.53 -16.27
CA VAL B 300 8.74 15.89 -15.79
C VAL B 300 9.01 16.82 -16.96
N TRP B 301 7.96 17.22 -17.67
CA TRP B 301 8.12 18.03 -18.86
C TRP B 301 8.38 19.48 -18.48
N ASP B 302 9.36 20.09 -19.14
CA ASP B 302 9.50 21.54 -19.09
C ASP B 302 8.31 22.15 -19.83
N ALA B 303 7.44 22.84 -19.10
CA ALA B 303 6.13 23.25 -19.61
C ALA B 303 6.17 24.35 -20.65
N LEU B 304 7.35 24.87 -21.03
CA LEU B 304 7.41 25.87 -22.08
C LEU B 304 8.09 25.39 -23.36
N LYS B 305 8.97 24.40 -23.29
CA LYS B 305 9.64 23.87 -24.47
C LYS B 305 9.23 22.46 -24.81
N ALA B 306 8.39 21.81 -23.98
CA ALA B 306 7.86 20.45 -24.16
C ALA B 306 8.97 19.41 -24.26
N ASP B 307 10.08 19.64 -23.58
CA ASP B 307 11.17 18.66 -23.53
C ASP B 307 11.15 17.97 -22.18
N ARG B 308 11.35 16.66 -22.20
CA ARG B 308 11.34 15.88 -20.96
C ARG B 308 12.59 16.23 -20.17
N ALA B 309 12.44 17.12 -19.20
CA ALA B 309 13.56 17.49 -18.34
C ALA B 309 13.60 16.61 -17.10
N GLY B 310 13.62 15.30 -17.30
CA GLY B 310 13.72 14.37 -16.19
C GLY B 310 12.68 13.29 -16.21
N VAL B 311 13.04 12.13 -15.68
CA VAL B 311 12.13 10.98 -15.61
C VAL B 311 12.21 10.43 -14.20
N LEU B 312 11.07 10.40 -13.51
CA LEU B 312 10.98 9.77 -12.20
C LEU B 312 10.66 8.31 -12.46
N ALA B 313 11.64 7.44 -12.25
CA ALA B 313 11.55 6.03 -12.58
C ALA B 313 11.79 5.20 -11.32
N GLY B 314 10.70 4.83 -10.67
CA GLY B 314 10.68 3.70 -9.74
C GLY B 314 9.55 2.82 -10.22
N HIS B 315 8.61 2.50 -9.34
CA HIS B 315 7.24 2.20 -9.72
C HIS B 315 7.04 1.01 -10.67
N ASP B 316 7.15 -0.20 -10.12
CA ASP B 316 7.02 -1.46 -10.85
C ASP B 316 5.67 -1.73 -11.51
N ASN B 317 4.74 -0.79 -11.48
CA ASN B 317 3.47 -0.89 -12.19
C ASN B 317 3.18 0.47 -12.83
N ARG B 318 1.95 0.69 -13.27
CA ARG B 318 1.61 1.96 -13.91
C ARG B 318 1.31 3.03 -12.87
N VAL B 319 1.82 4.23 -13.12
CA VAL B 319 1.59 5.37 -12.23
C VAL B 319 0.14 5.81 -12.34
N SER B 320 -0.53 6.00 -11.21
CA SER B 320 -1.94 6.36 -11.23
C SER B 320 -2.26 7.72 -10.64
N CYS B 321 -1.42 8.29 -9.77
CA CYS B 321 -1.75 9.59 -9.19
C CYS B 321 -0.51 10.42 -8.92
N LEU B 322 -0.58 11.72 -9.22
CA LEU B 322 0.47 12.67 -8.92
C LEU B 322 -0.06 13.79 -8.05
N GLY B 323 0.84 14.38 -7.27
CA GLY B 323 0.48 15.57 -6.53
C GLY B 323 1.67 16.40 -6.08
N VAL B 324 1.66 17.68 -6.40
CA VAL B 324 2.68 18.61 -5.96
C VAL B 324 2.09 19.48 -4.86
N THR B 325 2.88 19.75 -3.82
CA THR B 325 2.44 20.46 -2.63
C THR B 325 2.11 21.92 -2.95
N ASP B 326 1.57 22.63 -1.95
CA ASP B 326 1.21 24.02 -2.15
C ASP B 326 2.43 24.94 -2.22
N ASP B 327 3.53 24.57 -1.58
CA ASP B 327 4.76 25.33 -1.73
C ASP B 327 5.65 24.82 -2.86
N GLY B 328 5.38 23.62 -3.36
CA GLY B 328 6.20 23.00 -4.38
C GLY B 328 7.31 22.12 -3.85
N MET B 329 7.32 21.83 -2.55
CA MET B 329 8.46 21.17 -1.91
C MET B 329 8.63 19.72 -2.30
N ALA B 330 7.64 19.09 -2.93
CA ALA B 330 7.74 17.66 -3.21
C ALA B 330 6.86 17.31 -4.40
N VAL B 331 7.03 16.07 -4.87
CA VAL B 331 6.06 15.43 -5.76
C VAL B 331 5.77 14.06 -5.19
N ALA B 332 4.54 13.82 -4.78
CA ALA B 332 4.13 12.48 -4.42
C ALA B 332 3.57 11.81 -5.66
N THR B 333 3.99 10.57 -5.88
CA THR B 333 3.47 9.75 -6.97
C THR B 333 2.97 8.46 -6.37
N GLY B 334 1.94 7.90 -6.96
CA GLY B 334 1.38 6.64 -6.51
C GLY B 334 0.98 5.79 -7.68
N SER B 335 1.22 4.49 -7.55
CA SER B 335 1.08 3.56 -8.66
C SER B 335 0.43 2.29 -8.18
N TRP B 336 0.19 1.37 -9.12
CA TRP B 336 -0.57 0.16 -8.83
C TRP B 336 0.23 -0.88 -8.04
N ASP B 337 1.49 -0.62 -7.73
CA ASP B 337 2.30 -1.53 -6.93
C ASP B 337 2.24 -1.24 -5.45
N SER B 338 1.27 -0.43 -5.01
CA SER B 338 0.98 -0.08 -3.62
C SER B 338 2.07 0.76 -2.96
N PHE B 339 2.72 1.66 -3.70
CA PHE B 339 3.77 2.50 -3.12
C PHE B 339 3.63 3.93 -3.63
N LEU B 340 3.42 4.85 -2.70
CA LEU B 340 3.63 6.27 -2.98
C LEU B 340 5.08 6.59 -2.71
N LYS B 341 5.71 7.27 -3.66
CA LYS B 341 7.09 7.70 -3.53
C LYS B 341 7.13 9.21 -3.64
N ILE B 342 7.95 9.84 -2.80
CA ILE B 342 8.03 11.28 -2.71
C ILE B 342 9.37 11.71 -3.31
N TRP B 343 9.31 12.66 -4.22
CA TRP B 343 10.44 13.00 -5.08
C TRP B 343 10.77 14.46 -4.88
N ASN B 344 12.04 14.74 -4.56
CA ASN B 344 12.46 16.12 -4.35
C ASN B 344 13.75 16.44 -5.08
N ILE C 9 -37.55 23.69 -30.48
CA ILE C 9 -37.78 25.12 -30.43
C ILE C 9 -37.11 25.70 -29.17
N ALA C 10 -36.91 24.84 -28.16
CA ALA C 10 -36.26 25.22 -26.91
C ALA C 10 -35.37 24.11 -26.38
N GLN C 11 -34.93 23.22 -27.25
CA GLN C 11 -34.02 22.15 -26.85
C GLN C 11 -32.58 22.53 -27.14
N ALA C 12 -32.33 23.06 -28.34
CA ALA C 12 -31.01 23.57 -28.71
C ALA C 12 -30.91 25.07 -28.54
N ARG C 13 -31.95 25.71 -27.99
CA ARG C 13 -31.91 27.15 -27.78
C ARG C 13 -30.94 27.52 -26.67
N LYS C 14 -30.90 26.76 -25.58
CA LYS C 14 -29.91 27.03 -24.55
C LYS C 14 -28.50 26.67 -25.01
N LEU C 15 -28.39 25.72 -25.94
CA LEU C 15 -27.09 25.37 -26.50
C LEU C 15 -26.54 26.48 -27.38
N VAL C 16 -27.39 27.04 -28.26
CA VAL C 16 -26.93 28.18 -29.05
C VAL C 16 -26.84 29.46 -28.25
N GLU C 17 -27.49 29.55 -27.08
CA GLU C 17 -27.31 30.69 -26.21
C GLU C 17 -25.97 30.61 -25.48
N GLN C 18 -25.58 29.41 -25.06
CA GLN C 18 -24.23 29.18 -24.55
C GLN C 18 -23.19 29.41 -25.63
N LEU C 19 -23.50 29.10 -26.89
CA LEU C 19 -22.59 29.45 -27.98
C LEU C 19 -22.59 30.94 -28.29
N LYS C 20 -23.68 31.65 -28.00
CA LYS C 20 -23.69 33.11 -28.09
C LYS C 20 -22.76 33.73 -27.06
N MET C 21 -22.79 33.22 -25.82
CA MET C 21 -21.84 33.71 -24.83
C MET C 21 -20.44 33.18 -25.10
N GLU C 22 -20.30 32.08 -25.83
CA GLU C 22 -19.02 31.62 -26.36
C GLU C 22 -18.61 32.38 -27.60
N ALA C 23 -19.45 33.28 -28.12
CA ALA C 23 -19.03 34.27 -29.10
C ALA C 23 -18.60 35.57 -28.43
N ASN C 24 -19.35 36.00 -27.42
CA ASN C 24 -19.00 37.18 -26.63
C ASN C 24 -17.98 36.76 -25.57
N ILE C 25 -16.74 36.67 -26.00
CA ILE C 25 -15.63 36.19 -25.19
C ILE C 25 -14.65 37.35 -24.99
N ASP C 26 -14.16 37.51 -23.75
CA ASP C 26 -13.06 38.43 -23.47
C ASP C 26 -11.79 37.82 -24.07
N ARG C 27 -11.60 38.09 -25.36
CA ARG C 27 -10.67 37.32 -26.21
C ARG C 27 -9.23 37.79 -25.96
N ILE C 28 -8.60 37.17 -24.98
CA ILE C 28 -7.16 37.34 -24.77
C ILE C 28 -6.45 36.18 -25.44
N LYS C 29 -5.63 36.48 -26.43
CA LYS C 29 -5.24 35.54 -27.47
C LYS C 29 -3.99 34.74 -27.12
N VAL C 30 -3.52 33.98 -28.12
CA VAL C 30 -2.39 33.07 -27.95
C VAL C 30 -1.05 33.79 -27.86
N SER C 31 -1.00 35.08 -28.19
CA SER C 31 0.17 35.90 -27.93
C SER C 31 -0.12 37.05 -27.00
N LYS C 32 -1.39 37.35 -26.74
CA LYS C 32 -1.75 38.26 -25.66
C LYS C 32 -1.55 37.60 -24.31
N ALA C 33 -1.70 36.28 -24.24
CA ALA C 33 -1.52 35.52 -23.02
C ALA C 33 -0.31 34.58 -23.09
N ALA C 34 0.53 34.70 -24.12
CA ALA C 34 1.78 33.97 -24.14
C ALA C 34 2.74 34.52 -23.10
N ALA C 35 2.85 35.85 -23.03
CA ALA C 35 3.75 36.49 -22.08
C ALA C 35 3.25 36.44 -20.66
N ASP C 36 1.98 36.09 -20.43
CA ASP C 36 1.50 35.95 -19.06
C ASP C 36 1.97 34.65 -18.42
N LEU C 37 2.02 33.56 -19.19
CA LEU C 37 2.59 32.32 -18.67
C LEU C 37 4.08 32.46 -18.43
N MET C 38 4.77 33.18 -19.32
CA MET C 38 6.19 33.46 -19.12
C MET C 38 6.41 34.39 -17.94
N ALA C 39 5.47 35.31 -17.70
CA ALA C 39 5.58 36.22 -16.56
C ALA C 39 5.32 35.49 -15.25
N TYR C 40 4.41 34.51 -15.25
CA TYR C 40 4.18 33.77 -14.02
C TYR C 40 5.32 32.78 -13.75
N CYS C 41 5.86 32.15 -14.79
CA CYS C 41 6.92 31.19 -14.53
C CYS C 41 8.27 31.85 -14.32
N GLU C 42 8.44 33.10 -14.76
CA GLU C 42 9.68 33.82 -14.48
C GLU C 42 9.66 34.41 -13.07
N ALA C 43 8.62 35.18 -12.74
CA ALA C 43 8.59 35.96 -11.50
C ALA C 43 8.42 35.11 -10.26
N HIS C 44 8.08 33.82 -10.40
CA HIS C 44 7.99 32.91 -9.26
C HIS C 44 9.01 31.80 -9.34
N ALA C 45 10.11 32.00 -10.07
CA ALA C 45 11.12 30.96 -10.22
C ALA C 45 11.94 30.76 -8.96
N LYS C 46 12.06 31.78 -8.11
CA LYS C 46 12.84 31.65 -6.89
C LYS C 46 12.10 30.92 -5.79
N GLU C 47 10.78 30.79 -5.89
CA GLU C 47 9.99 30.14 -4.86
C GLU C 47 9.80 28.65 -5.08
N ASP C 48 10.13 28.14 -6.27
CA ASP C 48 9.92 26.75 -6.63
C ASP C 48 11.07 25.87 -6.16
N PRO C 49 10.83 24.92 -5.25
CA PRO C 49 11.90 24.05 -4.76
C PRO C 49 12.23 22.88 -5.67
N LEU C 50 11.68 22.83 -6.88
CA LEU C 50 11.99 21.78 -7.84
C LEU C 50 12.69 22.30 -9.08
N LEU C 51 12.32 23.49 -9.54
CA LEU C 51 13.02 24.11 -10.67
C LEU C 51 14.42 24.55 -10.25
N THR C 52 14.51 25.47 -9.29
CA THR C 52 15.77 25.80 -8.65
C THR C 52 15.83 25.04 -7.34
N PRO C 53 16.68 24.02 -7.22
CA PRO C 53 16.67 23.18 -6.02
C PRO C 53 17.14 23.92 -4.77
N VAL C 54 16.48 23.64 -3.67
CA VAL C 54 16.73 24.30 -2.38
C VAL C 54 18.05 23.73 -1.84
N PRO C 55 18.78 24.47 -1.02
CA PRO C 55 19.90 23.85 -0.29
C PRO C 55 19.40 22.76 0.65
N ALA C 56 20.24 21.74 0.86
CA ALA C 56 19.89 20.53 1.59
C ALA C 56 19.68 20.74 3.10
N SER C 57 19.77 21.97 3.61
CA SER C 57 19.39 22.28 4.98
C SER C 57 17.95 22.76 5.10
N GLU C 58 17.40 23.36 4.04
CA GLU C 58 16.00 23.77 4.02
C GLU C 58 15.10 22.72 3.38
N ASN C 59 15.65 21.57 3.03
CA ASN C 59 14.87 20.45 2.50
C ASN C 59 14.34 19.63 3.67
N PRO C 60 13.03 19.55 3.87
CA PRO C 60 12.49 18.83 5.02
C PRO C 60 12.39 17.32 4.85
N PHE C 61 12.62 16.80 3.65
CA PHE C 61 12.58 15.36 3.42
C PHE C 61 13.99 14.77 3.47
N VAL D 2 -18.22 13.21 25.73
CA VAL D 2 -17.02 12.71 26.36
C VAL D 2 -17.14 12.82 27.86
N GLN D 3 -16.89 11.72 28.57
CA GLN D 3 -17.03 11.73 30.02
C GLN D 3 -16.02 10.74 30.59
N LEU D 4 -14.91 11.27 31.10
CA LEU D 4 -13.98 10.48 31.89
C LEU D 4 -14.36 10.64 33.35
N VAL D 5 -14.42 9.54 34.09
CA VAL D 5 -14.82 9.60 35.48
C VAL D 5 -14.08 8.52 36.26
N GLU D 6 -13.45 8.91 37.37
CA GLU D 6 -12.59 8.03 38.14
C GLU D 6 -13.29 7.59 39.41
N SER D 7 -12.73 6.54 40.00
CA SER D 7 -13.25 5.96 41.22
C SER D 7 -12.13 5.24 41.95
N GLY D 8 -12.11 5.34 43.27
CA GLY D 8 -11.11 4.66 44.05
C GLY D 8 -10.54 5.50 45.17
N GLY D 9 -11.02 6.72 45.30
CA GLY D 9 -10.54 7.61 46.34
C GLY D 9 -11.03 7.21 47.72
N GLY D 10 -10.45 7.84 48.72
CA GLY D 10 -10.79 7.58 50.10
C GLY D 10 -9.58 7.75 50.99
N LEU D 11 -9.78 7.44 52.26
CA LEU D 11 -8.72 7.51 53.26
C LEU D 11 -8.08 6.15 53.41
N VAL D 12 -6.75 6.13 53.50
CA VAL D 12 -5.99 4.90 53.72
C VAL D 12 -4.86 5.21 54.70
N GLN D 13 -4.51 4.22 55.50
CA GLN D 13 -3.38 4.29 56.39
C GLN D 13 -2.11 3.90 55.64
N PRO D 14 -0.93 4.36 56.09
CA PRO D 14 0.30 4.02 55.37
C PRO D 14 0.63 2.54 55.46
N GLY D 15 1.46 2.10 54.51
CA GLY D 15 1.77 0.70 54.35
C GLY D 15 0.80 -0.06 53.48
N GLY D 16 -0.37 0.49 53.19
CA GLY D 16 -1.38 -0.19 52.41
C GLY D 16 -1.13 -0.09 50.92
N SER D 17 -2.10 -0.57 50.16
CA SER D 17 -2.05 -0.57 48.70
C SER D 17 -3.46 -0.33 48.19
N ARG D 18 -3.59 0.55 47.19
CA ARG D 18 -4.91 0.92 46.70
C ARG D 18 -4.93 0.85 45.18
N LYS D 19 -6.11 1.05 44.60
CA LYS D 19 -6.30 0.91 43.17
C LYS D 19 -7.35 1.91 42.70
N LEU D 20 -7.05 2.63 41.63
CA LEU D 20 -7.97 3.60 41.05
C LEU D 20 -8.36 3.15 39.65
N SER D 21 -9.63 3.36 39.30
CA SER D 21 -10.16 3.06 37.98
C SER D 21 -10.62 4.36 37.31
N CYS D 22 -10.47 4.42 36.00
CA CYS D 22 -10.86 5.58 35.20
C CYS D 22 -11.78 5.09 34.09
N SER D 23 -13.08 5.07 34.37
CA SER D 23 -14.05 4.64 33.38
C SER D 23 -14.32 5.75 32.37
N ALA D 24 -14.22 5.41 31.10
CA ALA D 24 -14.40 6.34 30.00
C ALA D 24 -15.73 6.08 29.33
N SER D 25 -16.40 7.15 28.90
CA SER D 25 -17.70 7.01 28.24
C SER D 25 -17.85 8.12 27.22
N GLY D 26 -17.71 7.77 25.95
CA GLY D 26 -18.02 8.74 24.91
C GLY D 26 -16.97 8.91 23.85
N PHE D 27 -15.91 8.11 23.87
CA PHE D 27 -14.84 8.23 22.89
C PHE D 27 -14.17 6.87 22.70
N ALA D 28 -13.20 6.84 21.78
CA ALA D 28 -12.51 5.61 21.42
C ALA D 28 -11.29 5.44 22.31
N PHE D 29 -11.52 4.80 23.47
CA PHE D 29 -10.50 4.67 24.51
C PHE D 29 -9.31 3.83 24.07
N SER D 30 -9.50 2.94 23.09
CA SER D 30 -8.43 2.10 22.57
C SER D 30 -7.54 2.84 21.58
N SER D 31 -7.82 4.11 21.30
CA SER D 31 -7.00 4.91 20.40
C SER D 31 -6.36 6.10 21.10
N PHE D 32 -6.46 6.18 22.43
CA PHE D 32 -5.92 7.29 23.20
C PHE D 32 -4.92 6.78 24.22
N GLY D 33 -3.78 7.45 24.30
CA GLY D 33 -2.90 7.27 25.44
C GLY D 33 -3.46 7.98 26.65
N MET D 34 -3.14 7.45 27.83
CA MET D 34 -3.73 7.94 29.07
C MET D 34 -2.64 8.32 30.06
N HIS D 35 -2.68 9.57 30.52
CA HIS D 35 -1.86 10.02 31.62
C HIS D 35 -2.63 9.92 32.92
N TRP D 36 -1.91 9.61 34.00
CA TRP D 36 -2.37 9.89 35.35
C TRP D 36 -1.58 11.08 35.85
N VAL D 37 -2.30 12.12 36.27
CA VAL D 37 -1.71 13.33 36.85
C VAL D 37 -2.23 13.40 38.28
N ARG D 38 -1.46 14.00 39.18
CA ARG D 38 -1.97 14.22 40.53
C ARG D 38 -1.76 15.66 40.92
N GLN D 39 -2.43 16.05 42.02
CA GLN D 39 -2.31 17.40 42.54
C GLN D 39 -2.44 17.34 44.05
N ALA D 40 -1.39 17.73 44.75
CA ALA D 40 -1.42 17.81 46.21
C ALA D 40 -2.35 18.93 46.65
N PRO D 41 -2.89 18.86 47.87
CA PRO D 41 -3.75 19.95 48.36
C PRO D 41 -3.00 21.27 48.50
N GLU D 42 -3.59 22.31 47.87
CA GLU D 42 -3.12 23.71 47.83
C GLU D 42 -1.63 23.87 47.51
N LYS D 43 -1.06 22.94 46.74
CA LYS D 43 0.33 23.06 46.33
C LYS D 43 0.49 23.20 44.82
N GLY D 44 -0.01 22.26 44.04
CA GLY D 44 0.13 22.33 42.60
C GLY D 44 0.13 20.95 41.98
N LEU D 45 0.11 20.95 40.64
CA LEU D 45 0.02 19.73 39.87
C LEU D 45 1.36 18.98 39.86
N GLU D 46 1.28 17.69 39.58
CA GLU D 46 2.46 16.83 39.53
C GLU D 46 2.11 15.60 38.70
N TRP D 47 2.80 15.42 37.57
CA TRP D 47 2.54 14.29 36.69
C TRP D 47 2.96 12.98 37.33
N VAL D 48 2.21 11.92 37.04
CA VAL D 48 2.48 10.62 37.69
C VAL D 48 2.90 9.57 36.67
N ALA D 49 2.04 9.27 35.70
CA ALA D 49 2.33 8.12 34.85
C ALA D 49 1.70 8.30 33.49
N TYR D 50 2.07 7.43 32.55
CA TYR D 50 1.58 7.51 31.19
C TYR D 50 1.59 6.13 30.57
N ILE D 51 0.54 5.81 29.81
CA ILE D 51 0.47 4.57 29.05
C ILE D 51 0.01 4.90 27.64
N SER D 52 0.72 4.38 26.64
CA SER D 52 0.38 4.71 25.27
C SER D 52 -0.76 3.82 24.79
N SER D 53 -1.17 4.02 23.54
CA SER D 53 -2.20 3.18 22.94
C SER D 53 -1.66 1.78 22.70
N GLY D 54 -2.49 0.78 23.00
CA GLY D 54 -2.07 -0.60 22.86
C GLY D 54 -1.12 -1.08 23.93
N SER D 55 -0.99 -0.34 25.04
CA SER D 55 -0.25 -0.71 26.25
C SER D 55 1.24 -0.93 26.00
N GLY D 56 1.79 -0.38 24.91
CA GLY D 56 3.19 -0.57 24.62
C GLY D 56 4.12 0.27 25.47
N THR D 57 4.06 1.59 25.28
CA THR D 57 4.93 2.50 26.01
C THR D 57 4.30 2.85 27.35
N ILE D 58 5.04 2.62 28.43
CA ILE D 58 4.60 2.97 29.77
C ILE D 58 5.73 3.76 30.44
N TYR D 59 5.41 4.95 30.92
CA TYR D 59 6.37 5.82 31.58
C TYR D 59 5.86 6.17 32.97
N TYR D 60 6.78 6.48 33.87
CA TYR D 60 6.43 6.89 35.22
C TYR D 60 7.22 8.12 35.61
N ALA D 61 6.81 8.75 36.70
CA ALA D 61 7.60 9.78 37.34
C ALA D 61 8.61 9.12 38.26
N ASP D 62 9.79 9.72 38.37
CA ASP D 62 10.89 9.11 39.12
C ASP D 62 10.68 9.15 40.62
N THR D 63 9.67 9.85 41.11
CA THR D 63 9.34 9.81 42.53
C THR D 63 8.81 8.44 42.94
N VAL D 64 7.90 7.88 42.14
CA VAL D 64 7.23 6.62 42.47
C VAL D 64 7.43 5.59 41.37
N LYS D 65 8.54 5.68 40.64
CA LYS D 65 8.80 4.74 39.56
C LYS D 65 9.11 3.36 40.13
N GLY D 66 8.34 2.36 39.70
CA GLY D 66 8.41 1.04 40.28
C GLY D 66 7.56 0.84 41.52
N ARG D 67 7.01 1.92 42.08
CA ARG D 67 6.16 1.83 43.25
C ARG D 67 4.67 1.87 42.90
N PHE D 68 4.33 2.36 41.71
CA PHE D 68 2.98 2.26 41.16
C PHE D 68 3.00 1.26 40.03
N THR D 69 1.82 0.91 39.52
CA THR D 69 1.75 0.18 38.27
C THR D 69 0.50 0.62 37.52
N ILE D 70 0.56 0.48 36.19
CA ILE D 70 -0.46 0.98 35.28
C ILE D 70 -1.11 -0.21 34.58
N SER D 71 -2.44 -0.28 34.62
CA SER D 71 -3.18 -1.33 33.94
C SER D 71 -4.21 -0.69 33.02
N ARG D 72 -4.69 -1.46 32.05
CA ARG D 72 -5.59 -0.93 31.05
C ARG D 72 -6.45 -2.04 30.48
N ASP D 73 -7.74 -1.75 30.29
CA ASP D 73 -8.69 -2.66 29.68
C ASP D 73 -9.34 -1.93 28.50
N ASP D 74 -8.91 -2.28 27.29
CA ASP D 74 -9.29 -1.60 26.05
C ASP D 74 -10.64 -2.00 25.47
N PRO D 75 -11.09 -3.26 25.43
CA PRO D 75 -12.48 -3.53 25.04
C PRO D 75 -13.50 -3.37 26.16
N LYS D 76 -13.10 -2.78 27.29
CA LYS D 76 -14.00 -2.46 28.39
C LYS D 76 -13.92 -0.99 28.76
N ASN D 77 -12.90 -0.28 28.27
CA ASN D 77 -12.64 1.15 28.55
C ASN D 77 -12.50 1.41 30.05
N THR D 78 -11.48 0.81 30.64
CA THR D 78 -11.24 1.05 32.07
C THR D 78 -9.75 1.08 32.33
N LEU D 79 -9.27 2.21 32.85
CA LEU D 79 -7.85 2.45 33.09
C LEU D 79 -7.56 2.40 34.57
N PHE D 80 -6.60 1.58 34.98
CA PHE D 80 -6.29 1.36 36.39
C PHE D 80 -4.91 1.90 36.73
N LEU D 81 -4.80 2.41 37.96
CA LEU D 81 -3.51 2.70 38.58
C LEU D 81 -3.49 1.97 39.92
N GLN D 82 -2.58 1.02 40.07
CA GLN D 82 -2.49 0.23 41.30
C GLN D 82 -1.26 0.67 42.06
N MET D 83 -1.48 1.36 43.18
CA MET D 83 -0.41 1.88 44.01
C MET D 83 -0.10 0.88 45.12
N THR D 84 1.20 0.59 45.29
CA THR D 84 1.63 -0.52 46.12
C THR D 84 1.93 -0.12 47.56
N SER D 85 2.55 1.04 47.77
CA SER D 85 2.84 1.52 49.11
C SER D 85 2.66 3.03 49.14
N LEU D 86 1.96 3.53 50.15
CA LEU D 86 1.47 4.92 50.15
C LEU D 86 1.98 5.65 51.39
N ARG D 87 2.84 6.63 51.18
CA ARG D 87 3.30 7.52 52.23
C ARG D 87 2.37 8.72 52.33
N SER D 88 2.75 9.70 53.16
CA SER D 88 1.95 10.90 53.37
C SER D 88 2.16 11.96 52.29
N GLU D 89 2.79 11.60 51.17
CA GLU D 89 2.91 12.48 50.02
C GLU D 89 2.07 11.98 48.84
N ASP D 90 1.67 10.71 48.86
CA ASP D 90 0.80 10.18 47.81
C ASP D 90 -0.63 10.71 47.89
N THR D 91 -1.01 11.33 49.01
CA THR D 91 -2.32 11.95 49.13
C THR D 91 -2.46 13.13 48.18
N ALA D 92 -3.46 13.06 47.30
CA ALA D 92 -3.64 14.02 46.22
C ALA D 92 -5.02 13.83 45.63
N MET D 93 -5.40 14.80 44.80
CA MET D 93 -6.49 14.63 43.85
C MET D 93 -5.89 14.10 42.56
N TYR D 94 -6.29 12.91 42.15
CA TYR D 94 -5.75 12.26 40.97
C TYR D 94 -6.68 12.45 39.78
N TYR D 95 -6.10 12.83 38.66
CA TYR D 95 -6.84 13.08 37.42
C TYR D 95 -6.36 12.10 36.37
N CYS D 96 -7.27 11.80 35.43
CA CYS D 96 -7.05 10.82 34.38
C CYS D 96 -7.25 11.52 33.05
N VAL D 97 -6.17 11.77 32.33
CA VAL D 97 -6.17 12.68 31.18
C VAL D 97 -5.96 11.87 29.92
N ARG D 98 -6.74 12.16 28.88
CA ARG D 98 -6.51 11.50 27.61
C ARG D 98 -5.53 12.30 26.76
N SER D 99 -4.92 11.63 25.79
CA SER D 99 -3.84 12.21 25.01
C SER D 99 -3.69 11.41 23.73
N ILE D 100 -3.89 12.05 22.59
CA ILE D 100 -3.67 11.39 21.31
C ILE D 100 -2.51 12.11 20.63
N TYR D 101 -1.59 11.33 20.07
CA TYR D 101 -0.39 11.87 19.45
C TYR D 101 -0.40 11.50 17.98
N TYR D 102 -0.65 12.49 17.13
CA TYR D 102 -0.34 12.42 15.71
C TYR D 102 0.09 13.82 15.31
N TYR D 103 0.29 14.05 14.03
CA TYR D 103 0.71 15.38 13.61
C TYR D 103 -0.47 16.33 13.66
N GLY D 104 -0.45 17.23 14.64
CA GLY D 104 -1.45 18.26 14.75
C GLY D 104 -2.49 18.06 15.82
N SER D 105 -2.31 17.10 16.71
CA SER D 105 -3.32 16.80 17.71
C SER D 105 -3.25 17.81 18.85
N SER D 106 -4.22 17.73 19.77
CA SER D 106 -4.25 18.53 20.99
C SER D 106 -4.13 17.55 22.15
N PRO D 107 -2.91 17.20 22.53
CA PRO D 107 -2.71 15.98 23.32
C PRO D 107 -2.82 16.11 24.84
N PHE D 108 -3.47 17.12 25.38
CA PHE D 108 -3.86 17.09 26.79
C PHE D 108 -5.26 17.66 26.95
N ASP D 109 -6.16 17.22 26.08
CA ASP D 109 -7.37 17.98 25.80
C ASP D 109 -8.41 17.84 26.92
N PHE D 110 -8.87 16.63 27.17
CA PHE D 110 -9.96 16.43 28.11
C PHE D 110 -9.43 15.81 29.39
N TRP D 111 -9.64 16.49 30.51
CA TRP D 111 -9.24 16.03 31.82
C TRP D 111 -10.42 15.42 32.55
N GLY D 112 -10.19 14.34 33.26
CA GLY D 112 -11.22 13.72 34.05
C GLY D 112 -11.57 14.55 35.27
N GLN D 113 -12.62 14.11 35.97
CA GLN D 113 -13.15 14.87 37.09
C GLN D 113 -12.30 14.79 38.34
N GLY D 114 -11.35 13.87 38.41
CA GLY D 114 -10.48 13.77 39.57
C GLY D 114 -11.09 13.00 40.72
N THR D 115 -10.24 12.42 41.57
CA THR D 115 -10.71 11.68 42.73
C THR D 115 -9.76 11.93 43.89
N THR D 116 -10.33 12.05 45.08
CA THR D 116 -9.56 12.41 46.27
C THR D 116 -9.01 11.15 46.93
N LEU D 117 -7.71 11.15 47.21
CA LEU D 117 -7.08 10.07 47.96
C LEU D 117 -6.27 10.70 49.08
N THR D 118 -6.47 10.21 50.30
CA THR D 118 -5.90 10.82 51.49
C THR D 118 -5.20 9.77 52.35
N VAL D 119 -3.93 9.99 52.61
CA VAL D 119 -3.14 9.12 53.47
C VAL D 119 -2.89 9.85 54.78
N SER D 120 -3.21 9.20 55.89
CA SER D 120 -2.99 9.80 57.20
C SER D 120 -1.50 9.82 57.54
N SER D 121 -1.14 10.70 58.45
CA SER D 121 0.26 10.81 58.89
C SER D 121 0.57 9.81 59.99
N SER D 136 19.25 17.20 35.70
CA SER D 136 18.55 16.06 35.09
C SER D 136 17.17 16.47 34.61
N ASP D 137 16.19 16.44 35.52
CA ASP D 137 14.82 16.81 35.18
C ASP D 137 14.71 18.30 34.94
N ILE D 138 13.78 18.68 34.06
CA ILE D 138 13.58 20.08 33.72
C ILE D 138 12.79 20.76 34.84
N VAL D 139 13.30 21.89 35.31
CA VAL D 139 12.62 22.70 36.32
C VAL D 139 11.92 23.85 35.61
N MET D 140 10.63 24.00 35.87
CA MET D 140 9.86 25.12 35.35
C MET D 140 9.41 25.99 36.52
N THR D 141 9.69 27.29 36.41
CA THR D 141 9.46 28.23 37.50
C THR D 141 8.38 29.22 37.09
N GLN D 142 7.34 29.33 37.92
CA GLN D 142 6.33 30.36 37.78
C GLN D 142 6.59 31.47 38.78
N ALA D 143 6.23 32.69 38.39
CA ALA D 143 6.77 33.88 39.03
C ALA D 143 6.11 34.20 40.38
N THR D 144 4.84 33.85 40.55
CA THR D 144 4.07 34.35 41.70
C THR D 144 3.18 33.23 42.22
N SER D 145 2.26 33.61 43.12
CA SER D 145 1.21 32.71 43.60
C SER D 145 -0.14 33.39 43.70
N SER D 146 -0.23 34.71 43.53
CA SER D 146 -1.48 35.43 43.59
C SER D 146 -1.33 36.75 42.86
N VAL D 147 -2.23 37.01 41.92
CA VAL D 147 -2.25 38.26 41.17
C VAL D 147 -3.67 38.82 41.22
N PRO D 148 -3.89 39.98 41.86
CA PRO D 148 -5.24 40.54 41.90
C PRO D 148 -5.54 41.40 40.67
N VAL D 149 -6.75 41.23 40.13
CA VAL D 149 -7.16 41.96 38.94
C VAL D 149 -8.68 42.01 38.92
N THR D 150 -9.22 43.01 38.22
CA THR D 150 -10.63 43.23 37.94
C THR D 150 -10.94 42.84 36.49
N PRO D 151 -12.21 42.58 36.15
CA PRO D 151 -12.55 42.31 34.75
C PRO D 151 -12.32 43.51 33.84
N GLY D 152 -12.08 43.21 32.57
CA GLY D 152 -11.77 44.22 31.58
C GLY D 152 -10.30 44.57 31.47
N GLU D 153 -9.43 43.95 32.26
CA GLU D 153 -8.01 44.25 32.28
C GLU D 153 -7.23 43.09 31.70
N SER D 154 -6.42 43.37 30.67
CA SER D 154 -5.61 42.35 30.03
C SER D 154 -4.43 41.98 30.92
N VAL D 155 -4.26 40.68 31.18
CA VAL D 155 -3.26 40.19 32.12
C VAL D 155 -2.23 39.38 31.35
N SER D 156 -0.97 39.48 31.77
CA SER D 156 0.09 38.64 31.22
C SER D 156 0.68 37.78 32.34
N ILE D 157 0.75 36.48 32.10
CA ILE D 157 1.43 35.54 32.97
C ILE D 157 2.68 35.06 32.26
N SER D 158 3.71 34.71 33.02
CA SER D 158 4.94 34.22 32.44
C SER D 158 5.52 33.10 33.28
N CYS D 159 6.21 32.18 32.62
CA CYS D 159 6.99 31.17 33.32
C CYS D 159 8.25 30.86 32.53
N ARG D 160 9.25 30.36 33.25
CA ARG D 160 10.58 30.12 32.71
C ARG D 160 10.91 28.64 32.81
N SER D 161 11.75 28.17 31.89
CA SER D 161 12.17 26.78 31.84
C SER D 161 13.67 26.69 31.99
N SER D 162 14.14 25.48 32.32
CA SER D 162 15.57 25.23 32.46
C SER D 162 16.24 25.11 31.09
N LYS D 163 15.83 24.12 30.30
CA LYS D 163 16.34 23.94 28.96
C LYS D 163 15.52 24.76 27.97
N SER D 164 16.03 24.86 26.75
CA SER D 164 15.23 25.41 25.65
C SER D 164 14.21 24.38 25.24
N LEU D 165 12.92 24.72 25.35
CA LEU D 165 11.87 23.80 24.96
C LEU D 165 11.73 23.67 23.45
N LEU D 166 12.31 24.59 22.68
CA LEU D 166 12.27 24.56 21.23
C LEU D 166 13.12 23.40 20.74
N HIS D 167 12.46 22.34 20.29
CA HIS D 167 13.13 21.19 19.72
C HIS D 167 13.64 21.51 18.32
N SER D 168 14.33 20.54 17.71
CA SER D 168 14.80 20.69 16.34
C SER D 168 13.69 20.54 15.31
N ASN D 169 12.51 20.04 15.72
CA ASN D 169 11.38 19.99 14.80
C ASN D 169 10.85 21.38 14.51
N GLY D 170 10.95 22.28 15.48
CA GLY D 170 10.24 23.54 15.47
C GLY D 170 9.18 23.62 16.52
N ASN D 171 8.74 22.48 17.06
CA ASN D 171 7.70 22.45 18.07
C ASN D 171 8.29 22.84 19.41
N THR D 172 7.57 23.66 20.16
CA THR D 172 7.98 24.10 21.49
C THR D 172 6.97 23.51 22.48
N TYR D 173 7.36 22.43 23.15
CA TYR D 173 6.42 21.57 23.85
C TYR D 173 6.04 22.11 25.22
N LEU D 174 5.36 23.25 25.22
CA LEU D 174 4.86 23.87 26.44
C LEU D 174 3.32 23.91 26.44
N TYR D 175 2.73 23.69 27.60
CA TYR D 175 1.28 23.55 27.72
C TYR D 175 0.78 24.49 28.80
N TRP D 176 -0.24 25.27 28.47
CA TRP D 176 -0.90 26.17 29.41
C TRP D 176 -2.26 25.60 29.75
N PHE D 177 -2.49 25.29 31.02
CA PHE D 177 -3.76 24.84 31.56
C PHE D 177 -4.36 25.89 32.48
N LEU D 178 -5.65 25.73 32.74
CA LEU D 178 -6.37 26.58 33.70
C LEU D 178 -7.22 25.70 34.59
N GLN D 179 -7.17 25.94 35.89
CA GLN D 179 -7.97 25.21 36.86
C GLN D 179 -8.82 26.22 37.61
N ARG D 180 -10.09 26.33 37.20
CA ARG D 180 -11.05 27.16 37.92
C ARG D 180 -11.34 26.51 39.28
N PRO D 181 -11.66 27.32 40.30
CA PRO D 181 -11.76 26.79 41.67
C PRO D 181 -12.96 25.84 41.83
N GLY D 182 -12.66 24.64 42.31
CA GLY D 182 -13.66 23.60 42.46
C GLY D 182 -13.79 22.66 41.28
N GLN D 183 -13.06 22.90 40.19
CA GLN D 183 -13.19 22.15 38.97
C GLN D 183 -11.94 21.31 38.72
N SER D 184 -11.91 20.66 37.58
CA SER D 184 -10.77 19.97 36.99
C SER D 184 -10.03 20.91 36.06
N PRO D 185 -8.74 20.64 35.75
CA PRO D 185 -8.03 21.50 34.81
C PRO D 185 -8.55 21.41 33.39
N GLN D 186 -8.06 22.30 32.53
CA GLN D 186 -8.59 22.43 31.18
C GLN D 186 -7.49 23.00 30.31
N LEU D 187 -7.20 22.35 29.19
CA LEU D 187 -6.13 22.80 28.32
C LEU D 187 -6.51 24.11 27.65
N LEU D 188 -5.59 25.06 27.66
CA LEU D 188 -5.75 26.33 26.97
C LEU D 188 -4.83 26.45 25.77
N ILE D 189 -3.54 26.15 25.95
CA ILE D 189 -2.54 26.28 24.90
C ILE D 189 -1.73 25.00 24.88
N TYR D 190 -1.51 24.39 23.71
CA TYR D 190 -0.81 23.12 23.76
C TYR D 190 0.61 23.09 23.21
N ARG D 191 1.04 24.00 22.34
CA ARG D 191 2.48 24.13 22.12
C ARG D 191 3.01 25.55 22.42
N MET D 192 2.68 26.55 21.61
CA MET D 192 2.91 27.92 22.08
C MET D 192 1.76 28.84 21.70
N SER D 193 1.30 28.71 20.46
CA SER D 193 0.34 29.63 19.87
C SER D 193 -0.90 28.91 19.38
N ASN D 194 -1.16 27.72 19.91
CA ASN D 194 -2.22 26.85 19.43
C ASN D 194 -3.31 26.83 20.48
N LEU D 195 -4.45 27.44 20.17
CA LEU D 195 -5.59 27.42 21.06
C LEU D 195 -6.22 26.03 21.08
N ALA D 196 -6.82 25.68 22.20
CA ALA D 196 -7.38 24.35 22.39
C ALA D 196 -8.74 24.24 21.70
N SER D 197 -9.46 23.16 21.99
CA SER D 197 -10.73 22.86 21.32
C SER D 197 -11.84 23.67 21.97
N GLY D 198 -12.22 24.76 21.34
CA GLY D 198 -13.38 25.51 21.77
C GLY D 198 -13.18 26.35 23.01
N VAL D 199 -11.95 26.74 23.32
CA VAL D 199 -11.71 27.72 24.38
C VAL D 199 -11.99 29.08 23.77
N PRO D 200 -12.31 30.11 24.56
CA PRO D 200 -12.49 31.45 23.99
C PRO D 200 -11.19 32.00 23.43
N ASP D 201 -11.30 32.65 22.27
CA ASP D 201 -10.15 33.09 21.49
C ASP D 201 -9.58 34.42 21.95
N ARG D 202 -9.86 34.82 23.19
CA ARG D 202 -9.19 35.96 23.80
C ARG D 202 -7.85 35.58 24.41
N PHE D 203 -7.65 34.30 24.74
CA PHE D 203 -6.35 33.83 25.20
C PHE D 203 -5.35 33.82 24.05
N SER D 204 -4.08 34.01 24.40
CA SER D 204 -3.01 33.85 23.43
C SER D 204 -1.74 33.49 24.18
N GLY D 205 -0.88 32.73 23.52
CA GLY D 205 0.39 32.36 24.11
C GLY D 205 1.53 32.69 23.16
N SER D 206 2.66 33.06 23.76
CA SER D 206 3.82 33.47 23.00
C SER D 206 5.07 33.27 23.85
N GLY D 207 6.21 33.61 23.29
CA GLY D 207 7.48 33.46 23.96
C GLY D 207 8.47 32.74 23.08
N SER D 208 9.64 32.49 23.67
CA SER D 208 10.72 31.84 22.92
C SER D 208 11.63 31.09 23.86
N GLY D 209 11.91 29.84 23.50
CA GLY D 209 13.05 29.11 24.04
C GLY D 209 12.91 28.72 25.50
N THR D 210 13.00 29.73 26.37
CA THR D 210 12.87 29.53 27.80
C THR D 210 11.88 30.46 28.46
N ALA D 211 11.51 31.57 27.84
CA ALA D 211 10.60 32.54 28.46
C ALA D 211 9.25 32.46 27.75
N PHE D 212 8.19 32.18 28.50
CA PHE D 212 6.90 31.90 27.90
C PHE D 212 5.80 32.70 28.59
N THR D 213 5.05 33.47 27.82
CA THR D 213 4.03 34.36 28.37
C THR D 213 2.66 34.07 27.75
N LEU D 214 1.65 34.01 28.61
CA LEU D 214 0.26 33.85 28.23
C LEU D 214 -0.46 35.17 28.46
N THR D 215 -0.96 35.77 27.39
CA THR D 215 -1.68 37.03 27.46
C THR D 215 -3.19 36.78 27.33
N ILE D 216 -3.94 37.30 28.29
CA ILE D 216 -5.39 37.19 28.34
C ILE D 216 -5.95 38.59 28.21
N SER D 217 -6.43 38.93 27.02
CA SER D 217 -7.11 40.20 26.80
C SER D 217 -8.59 40.02 27.06
N ARG D 218 -9.24 41.14 27.45
CA ARG D 218 -10.70 41.21 27.67
C ARG D 218 -11.16 40.22 28.73
N LEU D 219 -10.52 40.29 29.90
CA LEU D 219 -10.67 39.26 30.92
C LEU D 219 -12.06 39.29 31.54
N GLU D 220 -12.75 38.16 31.49
CA GLU D 220 -14.11 38.03 31.97
C GLU D 220 -14.06 37.54 33.43
N ALA D 221 -15.21 37.28 34.04
CA ALA D 221 -15.26 36.91 35.44
C ALA D 221 -14.85 35.47 35.71
N GLU D 222 -15.26 34.54 34.85
CA GLU D 222 -14.98 33.13 35.11
C GLU D 222 -13.59 32.70 34.64
N ASP D 223 -12.77 33.62 34.14
CA ASP D 223 -11.41 33.31 33.74
C ASP D 223 -10.43 33.25 34.90
N VAL D 224 -10.91 33.43 36.12
CA VAL D 224 -10.04 33.39 37.30
C VAL D 224 -9.85 31.94 37.71
N GLY D 225 -8.76 31.68 38.41
CA GLY D 225 -8.37 30.32 38.76
C GLY D 225 -6.88 30.16 38.62
N VAL D 226 -6.40 28.99 39.05
CA VAL D 226 -4.97 28.74 39.09
C VAL D 226 -4.49 28.33 37.71
N TYR D 227 -3.60 29.11 37.13
CA TYR D 227 -3.06 28.78 35.81
C TYR D 227 -1.83 27.89 35.97
N TYR D 228 -1.50 27.17 34.90
CA TYR D 228 -0.39 26.24 34.97
C TYR D 228 0.34 26.19 33.64
N CYS D 229 1.66 26.03 33.72
CA CYS D 229 2.49 25.77 32.55
C CYS D 229 3.27 24.48 32.77
N MET D 230 3.35 23.68 31.73
CA MET D 230 3.94 22.35 31.76
C MET D 230 4.83 22.21 30.54
N GLN D 231 5.82 21.34 30.63
CA GLN D 231 6.65 21.02 29.48
C GLN D 231 6.38 19.58 29.06
N HIS D 232 6.43 19.31 27.75
CA HIS D 232 6.42 17.89 27.45
C HIS D 232 7.85 17.41 27.19
N LEU D 233 8.36 17.58 25.97
CA LEU D 233 9.78 17.51 25.56
C LEU D 233 10.59 16.26 25.94
N GLU D 234 10.19 15.56 26.99
CA GLU D 234 11.03 14.57 27.67
C GLU D 234 10.25 13.93 28.80
N TYR D 235 10.43 12.64 29.02
CA TYR D 235 9.78 12.21 30.25
C TYR D 235 10.79 12.17 31.39
N PRO D 236 10.45 12.56 32.62
CA PRO D 236 9.14 12.90 33.18
C PRO D 236 8.63 14.29 32.83
N LEU D 237 7.32 14.47 32.96
CA LEU D 237 6.68 15.76 32.71
C LEU D 237 6.66 16.54 34.02
N THR D 238 6.97 17.83 33.94
CA THR D 238 7.08 18.67 35.13
C THR D 238 6.19 19.88 34.99
N PHE D 239 5.36 20.12 35.99
CA PHE D 239 4.43 21.24 36.00
C PHE D 239 5.09 22.46 36.63
N GLY D 240 4.47 23.62 36.40
CA GLY D 240 4.87 24.84 37.07
C GLY D 240 4.34 24.87 38.48
N ALA D 241 4.64 25.98 39.16
CA ALA D 241 4.20 26.15 40.54
C ALA D 241 2.72 26.49 40.61
N GLY D 242 2.25 27.34 39.70
CA GLY D 242 0.84 27.66 39.62
C GLY D 242 0.52 29.09 40.00
N THR D 243 0.33 29.94 39.00
CA THR D 243 -0.10 31.32 39.25
C THR D 243 -1.62 31.35 39.39
N LYS D 244 -2.10 31.94 40.48
CA LYS D 244 -3.53 32.08 40.72
C LYS D 244 -3.94 33.52 40.44
N LEU D 245 -4.84 33.70 39.47
CA LEU D 245 -5.45 35.00 39.24
C LEU D 245 -6.52 35.24 40.28
N GLU D 246 -6.52 36.44 40.87
CA GLU D 246 -7.40 36.80 41.97
C GLU D 246 -8.37 37.89 41.55
N LEU D 247 -9.58 37.81 42.08
CA LEU D 247 -10.58 38.86 41.89
C LEU D 247 -11.51 38.87 43.11
N ARG E 48 46.78 -41.42 -14.71
CA ARG E 48 45.52 -41.13 -14.03
C ARG E 48 45.56 -40.01 -12.96
N PRO E 49 46.65 -39.85 -12.13
CA PRO E 49 46.68 -38.68 -11.24
C PRO E 49 47.03 -37.36 -11.92
N SER E 50 47.02 -37.31 -13.25
CA SER E 50 47.23 -36.07 -14.00
C SER E 50 45.91 -35.50 -14.51
N TRP E 51 45.02 -36.34 -15.03
CA TRP E 51 43.75 -35.85 -15.57
C TRP E 51 42.81 -35.38 -14.46
N LEU E 52 42.81 -36.06 -13.31
CA LEU E 52 42.02 -35.58 -12.19
C LEU E 52 42.57 -34.28 -11.63
N ALA E 53 43.90 -34.14 -11.58
CA ALA E 53 44.51 -32.89 -11.18
C ALA E 53 44.27 -31.77 -12.19
N SER E 54 43.99 -32.11 -13.44
CA SER E 54 43.60 -31.09 -14.41
C SER E 54 42.13 -30.71 -14.26
N ALA E 55 41.27 -31.66 -13.94
CA ALA E 55 39.83 -31.45 -14.03
C ALA E 55 39.17 -30.97 -12.74
N LEU E 56 39.64 -31.44 -11.57
CA LEU E 56 38.93 -31.16 -10.32
C LEU E 56 39.06 -29.70 -9.92
N ALA E 57 40.22 -29.09 -10.19
CA ALA E 57 40.41 -27.68 -9.90
C ALA E 57 39.52 -26.81 -10.78
N CYS E 58 39.34 -27.19 -12.05
CA CYS E 58 38.44 -26.47 -12.94
C CYS E 58 36.99 -26.59 -12.49
N VAL E 59 36.59 -27.80 -12.06
CA VAL E 59 35.24 -28.03 -11.55
C VAL E 59 34.99 -27.19 -10.30
N LEU E 60 35.96 -27.13 -9.40
CA LEU E 60 35.75 -26.40 -8.16
C LEU E 60 35.77 -24.88 -8.38
N ILE E 61 36.62 -24.39 -9.30
CA ILE E 61 36.62 -22.94 -9.55
C ILE E 61 35.37 -22.52 -10.31
N PHE E 62 34.84 -23.42 -11.16
CA PHE E 62 33.53 -23.21 -11.79
C PHE E 62 32.43 -23.11 -10.73
N THR E 63 32.44 -24.06 -9.79
CA THR E 63 31.48 -24.09 -8.69
C THR E 63 31.51 -22.80 -7.89
N ILE E 64 32.71 -22.33 -7.50
CA ILE E 64 32.76 -21.15 -6.66
C ILE E 64 32.44 -19.87 -7.44
N VAL E 65 32.79 -19.78 -8.72
CA VAL E 65 32.53 -18.54 -9.46
C VAL E 65 31.04 -18.38 -9.73
N VAL E 66 30.40 -19.43 -10.26
CA VAL E 66 28.98 -19.26 -10.54
C VAL E 66 28.17 -19.29 -9.23
N ASP E 67 28.72 -19.88 -8.16
CA ASP E 67 28.06 -19.84 -6.86
C ASP E 67 28.08 -18.43 -6.28
N ILE E 68 29.23 -17.73 -6.35
CA ILE E 68 29.27 -16.41 -5.75
C ILE E 68 28.46 -15.40 -6.56
N LEU E 69 28.45 -15.54 -7.89
CA LEU E 69 27.63 -14.58 -8.66
C LEU E 69 26.14 -14.85 -8.48
N GLY E 70 25.73 -16.12 -8.48
CA GLY E 70 24.34 -16.45 -8.29
C GLY E 70 23.84 -16.12 -6.90
N ASN E 71 24.65 -16.38 -5.87
CA ASN E 71 24.24 -16.08 -4.51
C ASN E 71 24.28 -14.59 -4.20
N LEU E 72 25.22 -13.83 -4.76
CA LEU E 72 25.17 -12.38 -4.62
C LEU E 72 23.89 -11.82 -5.24
N LEU E 73 23.50 -12.34 -6.41
CA LEU E 73 22.24 -11.93 -7.03
C LEU E 73 21.04 -12.31 -6.17
N VAL E 74 21.03 -13.55 -5.65
CA VAL E 74 19.88 -14.05 -4.90
C VAL E 74 19.73 -13.34 -3.56
N ILE E 75 20.84 -13.09 -2.84
CA ILE E 75 20.73 -12.38 -1.57
C ILE E 75 20.42 -10.91 -1.79
N LEU E 76 21.28 -10.15 -2.50
CA LEU E 76 21.02 -8.71 -2.46
C LEU E 76 19.97 -8.27 -3.47
N SER E 77 19.47 -9.17 -4.31
CA SER E 77 18.40 -8.79 -5.22
C SER E 77 17.03 -8.81 -4.57
N VAL E 78 16.92 -9.14 -3.28
CA VAL E 78 15.65 -8.94 -2.60
C VAL E 78 15.45 -7.45 -2.37
N TYR E 79 14.23 -6.99 -2.57
CA TYR E 79 13.93 -5.57 -2.56
C TYR E 79 12.90 -5.26 -1.48
N ARG E 80 12.95 -4.03 -0.97
CA ARG E 80 11.98 -3.60 0.02
C ARG E 80 10.63 -3.21 -0.60
N ASN E 81 10.47 -3.38 -1.92
CA ASN E 81 9.13 -3.27 -2.49
C ASN E 81 8.30 -4.54 -2.29
N LYS E 82 8.92 -5.60 -1.75
CA LYS E 82 8.30 -6.79 -1.17
C LYS E 82 7.35 -7.53 -2.11
N LYS E 83 7.56 -7.39 -3.43
CA LYS E 83 7.07 -8.40 -4.37
C LYS E 83 7.80 -9.71 -4.18
N LEU E 84 9.03 -9.63 -3.68
CA LEU E 84 9.80 -10.70 -3.04
C LEU E 84 9.39 -10.74 -1.57
N ARG E 85 10.31 -11.19 -0.69
CA ARG E 85 10.25 -10.99 0.76
C ARG E 85 9.28 -11.96 1.46
N ASN E 86 8.53 -12.76 0.70
CA ASN E 86 7.74 -13.81 1.31
C ASN E 86 8.67 -14.90 1.87
N ALA E 87 8.12 -15.72 2.77
CA ALA E 87 8.93 -16.59 3.63
C ALA E 87 9.72 -17.63 2.84
N GLY E 88 9.20 -18.06 1.69
CA GLY E 88 9.96 -18.90 0.80
C GLY E 88 11.23 -18.24 0.31
N ASN E 89 11.16 -16.95 0.01
CA ASN E 89 12.36 -16.22 -0.39
C ASN E 89 13.32 -16.04 0.77
N ILE E 90 12.81 -16.00 2.00
CA ILE E 90 13.68 -15.92 3.17
C ILE E 90 14.46 -17.22 3.36
N PHE E 91 13.78 -18.36 3.21
CA PHE E 91 14.48 -19.64 3.27
C PHE E 91 15.41 -19.82 2.07
N VAL E 92 15.07 -19.27 0.92
CA VAL E 92 15.93 -19.35 -0.26
C VAL E 92 17.21 -18.55 -0.07
N VAL E 93 17.10 -17.32 0.44
CA VAL E 93 18.32 -16.54 0.65
C VAL E 93 19.12 -17.05 1.85
N SER E 94 18.48 -17.73 2.81
CA SER E 94 19.25 -18.44 3.82
C SER E 94 20.04 -19.59 3.22
N LEU E 95 19.44 -20.34 2.29
CA LEU E 95 20.18 -21.40 1.60
C LEU E 95 21.31 -20.83 0.77
N ALA E 96 21.08 -19.68 0.13
CA ALA E 96 22.11 -19.11 -0.73
C ALA E 96 23.26 -18.53 0.08
N VAL E 97 22.99 -17.98 1.27
CA VAL E 97 24.12 -17.54 2.09
C VAL E 97 24.79 -18.75 2.74
N ALA E 98 24.05 -19.85 2.98
CA ALA E 98 24.68 -21.06 3.49
C ALA E 98 25.54 -21.75 2.45
N ASP E 99 25.29 -21.53 1.17
CA ASP E 99 26.23 -21.97 0.14
C ASP E 99 27.31 -20.95 -0.15
N LEU E 100 27.07 -19.67 0.12
CA LEU E 100 28.12 -18.66 -0.02
C LEU E 100 29.19 -18.82 1.07
N VAL E 101 28.78 -19.36 2.23
CA VAL E 101 29.73 -19.67 3.30
C VAL E 101 30.78 -20.67 2.83
N VAL E 102 30.35 -21.75 2.17
CA VAL E 102 31.34 -22.68 1.63
C VAL E 102 31.98 -22.13 0.36
N ALA E 103 31.33 -21.17 -0.31
CA ALA E 103 31.92 -20.61 -1.52
C ALA E 103 33.10 -19.71 -1.21
N ILE E 104 33.13 -19.07 -0.04
CA ILE E 104 34.24 -18.18 0.30
C ILE E 104 35.27 -18.86 1.19
N TYR E 105 34.85 -19.46 2.30
CA TYR E 105 35.84 -19.75 3.34
C TYR E 105 36.70 -21.00 3.09
N PRO E 106 36.16 -22.24 2.83
CA PRO E 106 37.07 -23.37 2.67
C PRO E 106 37.43 -23.80 1.25
N TYR E 107 36.71 -23.34 0.23
CA TYR E 107 36.95 -23.84 -1.12
C TYR E 107 38.21 -23.29 -1.80
N PRO E 108 38.64 -22.03 -1.62
CA PRO E 108 40.00 -21.68 -2.06
C PRO E 108 41.09 -22.41 -1.29
N LEU E 109 40.82 -22.86 -0.06
CA LEU E 109 41.80 -23.67 0.64
C LEU E 109 41.86 -25.08 0.08
N VAL E 110 40.74 -25.65 -0.37
CA VAL E 110 40.80 -26.92 -1.08
C VAL E 110 41.48 -26.74 -2.45
N LEU E 111 41.23 -25.61 -3.12
CA LEU E 111 41.95 -25.30 -4.36
C LEU E 111 43.45 -25.15 -4.11
N MET E 112 43.82 -24.65 -2.92
CA MET E 112 45.23 -24.56 -2.56
C MET E 112 45.81 -25.94 -2.27
N SER E 113 45.01 -26.85 -1.70
CA SER E 113 45.46 -28.22 -1.48
C SER E 113 45.64 -28.98 -2.79
N ILE E 114 44.88 -28.60 -3.82
CA ILE E 114 45.20 -29.07 -5.18
C ILE E 114 46.45 -28.37 -5.71
N PHE E 115 46.61 -27.08 -5.39
CA PHE E 115 47.68 -26.24 -5.93
C PHE E 115 49.06 -26.70 -5.46
N ASN E 116 49.17 -27.17 -4.22
CA ASN E 116 50.48 -27.61 -3.73
C ASN E 116 50.75 -29.10 -4.00
N ASN E 117 49.71 -29.89 -4.26
CA ASN E 117 49.78 -31.33 -4.49
C ASN E 117 50.47 -32.03 -3.31
N GLY E 118 49.82 -31.94 -2.15
CA GLY E 118 50.43 -32.23 -0.88
C GLY E 118 50.36 -30.99 -0.01
N TRP E 119 49.48 -31.02 0.99
CA TRP E 119 49.00 -29.80 1.63
C TRP E 119 50.04 -29.21 2.55
N ASN E 120 50.25 -27.89 2.46
CA ASN E 120 51.31 -27.22 3.18
C ASN E 120 50.86 -26.57 4.48
N LEU E 121 49.57 -26.29 4.64
CA LEU E 121 49.09 -25.56 5.80
C LEU E 121 48.89 -26.53 6.97
N GLY E 122 48.41 -25.99 8.09
CA GLY E 122 48.33 -26.80 9.30
C GLY E 122 46.99 -26.77 9.99
N TYR E 123 47.00 -26.78 11.33
CA TYR E 123 45.80 -27.00 12.13
C TYR E 123 44.80 -25.86 12.01
N LEU E 124 45.28 -24.65 11.72
CA LEU E 124 44.41 -23.47 11.65
C LEU E 124 43.44 -23.57 10.47
N HIS E 125 43.99 -23.66 9.25
CA HIS E 125 43.16 -23.83 8.06
C HIS E 125 42.43 -25.16 8.06
N CYS E 126 42.98 -26.18 8.73
CA CYS E 126 42.30 -27.47 8.86
C CYS E 126 41.00 -27.33 9.63
N GLN E 127 41.06 -26.75 10.83
CA GLN E 127 39.84 -26.65 11.62
C GLN E 127 38.88 -25.61 11.06
N VAL E 128 39.41 -24.54 10.44
CA VAL E 128 38.54 -23.54 9.82
C VAL E 128 37.78 -24.15 8.64
N SER E 129 38.50 -24.86 7.75
CA SER E 129 37.88 -25.46 6.58
C SER E 129 36.88 -26.55 6.98
N GLY E 130 37.29 -27.43 7.90
CA GLY E 130 36.44 -28.54 8.28
C GLY E 130 35.25 -28.16 9.13
N PHE E 131 35.30 -27.02 9.80
CA PHE E 131 34.10 -26.55 10.50
C PHE E 131 33.18 -25.79 9.57
N LEU E 132 33.73 -24.88 8.75
CA LEU E 132 32.89 -24.05 7.89
C LEU E 132 32.22 -24.86 6.79
N MET E 133 32.94 -25.81 6.17
CA MET E 133 32.38 -26.62 5.10
C MET E 133 31.25 -27.51 5.61
N GLY E 134 31.44 -28.12 6.78
CA GLY E 134 30.43 -28.99 7.34
C GLY E 134 29.19 -28.25 7.79
N LEU E 135 29.38 -27.12 8.47
CA LEU E 135 28.25 -26.26 8.85
C LEU E 135 27.50 -25.78 7.63
N SER E 136 28.21 -25.45 6.56
CA SER E 136 27.57 -24.94 5.36
C SER E 136 26.76 -26.01 4.63
N VAL E 137 27.31 -27.23 4.52
CA VAL E 137 26.55 -28.24 3.77
C VAL E 137 25.37 -28.77 4.58
N ILE E 138 25.49 -28.86 5.92
CA ILE E 138 24.34 -29.31 6.71
C ILE E 138 23.27 -28.22 6.75
N GLY E 139 23.68 -26.95 6.81
CA GLY E 139 22.73 -25.86 6.70
C GLY E 139 22.08 -25.76 5.34
N SER E 140 22.81 -26.14 4.29
CA SER E 140 22.25 -26.12 2.93
C SER E 140 21.18 -27.18 2.77
N ILE E 141 21.44 -28.41 3.23
CA ILE E 141 20.43 -29.46 3.11
C ILE E 141 19.25 -29.19 4.05
N PHE E 142 19.50 -28.57 5.21
CA PHE E 142 18.38 -28.25 6.08
C PHE E 142 17.55 -27.07 5.57
N ASN E 143 18.17 -26.15 4.84
CA ASN E 143 17.38 -25.11 4.20
C ASN E 143 16.62 -25.64 2.98
N ILE E 144 17.14 -26.71 2.33
CA ILE E 144 16.34 -27.43 1.33
C ILE E 144 15.09 -28.01 1.98
N THR E 145 15.26 -28.63 3.15
CA THR E 145 14.12 -29.19 3.88
C THR E 145 13.13 -28.10 4.30
N GLY E 146 13.64 -26.94 4.72
CA GLY E 146 12.76 -25.83 5.07
C GLY E 146 12.00 -25.26 3.89
N ILE E 147 12.67 -25.15 2.73
CA ILE E 147 12.00 -24.69 1.50
C ILE E 147 10.90 -25.66 1.11
N ALA E 148 11.16 -26.96 1.23
CA ALA E 148 10.16 -27.97 0.86
C ALA E 148 8.95 -27.93 1.79
N ILE E 149 9.17 -27.81 3.10
CA ILE E 149 8.02 -27.80 4.01
C ILE E 149 7.26 -26.48 3.90
N ASN E 150 7.93 -25.38 3.54
CA ASN E 150 7.22 -24.12 3.35
C ASN E 150 6.36 -24.16 2.09
N ARG E 151 6.89 -24.71 1.00
CA ARG E 151 6.10 -24.82 -0.22
C ARG E 151 4.94 -25.79 -0.07
N TYR E 152 5.12 -26.84 0.75
CA TYR E 152 4.00 -27.72 1.04
C TYR E 152 2.93 -27.03 1.87
N CYS E 153 3.33 -26.27 2.89
CA CYS E 153 2.35 -25.56 3.70
C CYS E 153 1.76 -24.34 3.00
N TYR E 154 2.32 -23.91 1.87
CA TYR E 154 1.69 -22.88 1.07
C TYR E 154 0.73 -23.46 0.05
N ILE E 155 1.08 -24.58 -0.60
CA ILE E 155 0.20 -25.14 -1.62
C ILE E 155 -0.99 -25.84 -1.00
N CYS E 156 -0.73 -26.85 -0.17
CA CYS E 156 -1.82 -27.71 0.30
C CYS E 156 -2.61 -27.07 1.42
N HIS E 157 -1.96 -26.80 2.56
CA HIS E 157 -2.66 -26.26 3.72
C HIS E 157 -2.52 -24.74 3.75
N SER E 158 -3.18 -24.10 2.80
CA SER E 158 -3.14 -22.65 2.67
C SER E 158 -4.09 -21.94 3.61
N LEU E 159 -4.81 -22.67 4.46
CA LEU E 159 -5.77 -22.05 5.38
C LEU E 159 -5.06 -21.31 6.52
N LYS E 160 -3.88 -21.79 6.92
CA LYS E 160 -3.20 -21.26 8.09
C LYS E 160 -1.80 -20.74 7.78
N TYR E 161 -1.49 -20.48 6.51
CA TYR E 161 -0.13 -20.10 6.14
C TYR E 161 0.21 -18.69 6.62
N ASP E 162 -0.76 -17.78 6.59
CA ASP E 162 -0.50 -16.39 6.96
C ASP E 162 -0.31 -16.20 8.46
N LYS E 163 -0.75 -17.16 9.28
CA LYS E 163 -0.50 -17.11 10.72
C LYS E 163 0.67 -17.96 11.14
N LEU E 164 0.84 -19.13 10.51
CA LEU E 164 2.00 -19.97 10.80
C LEU E 164 3.28 -19.34 10.26
N TYR E 165 3.20 -18.69 9.11
CA TYR E 165 4.35 -18.03 8.50
C TYR E 165 4.04 -16.54 8.43
N SER E 166 5.01 -15.73 8.83
CA SER E 166 4.84 -14.28 8.89
C SER E 166 6.19 -13.64 8.57
N SER E 167 6.37 -12.38 8.99
CA SER E 167 7.58 -11.63 8.67
C SER E 167 8.82 -12.27 9.29
N LYS E 168 8.89 -12.32 10.62
CA LYS E 168 10.05 -12.91 11.27
C LYS E 168 9.73 -14.12 12.13
N ASN E 169 8.51 -14.65 12.05
CA ASN E 169 8.29 -16.02 12.50
C ASN E 169 9.06 -17.00 11.62
N SER E 170 9.14 -16.69 10.32
CA SER E 170 10.02 -17.43 9.43
C SER E 170 11.48 -17.26 9.81
N LEU E 171 11.84 -16.07 10.33
CA LEU E 171 13.19 -15.89 10.85
C LEU E 171 13.43 -16.73 12.09
N CYS E 172 12.40 -16.90 12.92
CA CYS E 172 12.53 -17.78 14.09
C CYS E 172 12.68 -19.23 13.65
N TYR E 173 11.99 -19.62 12.58
CA TYR E 173 12.14 -20.98 12.04
C TYR E 173 13.53 -21.19 11.46
N VAL E 174 14.07 -20.19 10.76
CA VAL E 174 15.38 -20.38 10.17
C VAL E 174 16.48 -20.26 11.22
N LEU E 175 16.23 -19.56 12.32
CA LEU E 175 17.17 -19.61 13.43
C LEU E 175 17.10 -20.93 14.17
N LEU E 176 15.94 -21.58 14.16
CA LEU E 176 15.87 -22.96 14.65
C LEU E 176 16.65 -23.90 13.73
N ILE E 177 16.61 -23.65 12.43
CA ILE E 177 17.38 -24.44 11.46
C ILE E 177 18.88 -24.27 11.70
N TRP E 178 19.31 -23.02 11.92
CA TRP E 178 20.72 -22.75 12.23
C TRP E 178 21.12 -23.32 13.58
N LEU E 179 20.20 -23.32 14.55
CA LEU E 179 20.45 -23.93 15.85
C LEU E 179 20.68 -25.42 15.72
N LEU E 180 19.86 -26.10 14.91
CA LEU E 180 20.02 -27.54 14.83
C LEU E 180 21.20 -27.94 13.96
N THR E 181 21.57 -27.14 12.94
CA THR E 181 22.82 -27.46 12.24
C THR E 181 24.04 -27.14 13.09
N LEU E 182 23.96 -26.16 14.00
CA LEU E 182 25.07 -25.94 14.93
C LEU E 182 25.18 -27.07 15.93
N ALA E 183 24.04 -27.57 16.42
CA ALA E 183 24.04 -28.72 17.32
C ALA E 183 24.51 -29.98 16.62
N ALA E 184 24.36 -30.06 15.29
CA ALA E 184 24.91 -31.18 14.55
C ALA E 184 26.39 -31.02 14.22
N VAL E 185 26.88 -29.79 14.06
CA VAL E 185 28.25 -29.58 13.60
C VAL E 185 29.24 -29.38 14.75
N LEU E 186 28.77 -29.13 15.98
CA LEU E 186 29.71 -28.97 17.09
C LEU E 186 30.35 -30.26 17.63
N PRO E 187 29.57 -31.28 18.13
CA PRO E 187 30.19 -32.27 19.03
C PRO E 187 31.06 -33.31 18.35
N ASN E 188 30.75 -33.71 17.12
CA ASN E 188 31.62 -34.64 16.43
C ASN E 188 32.83 -33.95 15.83
N LEU E 189 32.81 -32.63 15.71
CA LEU E 189 33.94 -31.92 15.15
C LEU E 189 34.86 -31.33 16.20
N ARG E 190 34.46 -31.36 17.47
CA ARG E 190 35.42 -31.17 18.54
C ARG E 190 35.45 -32.31 19.55
N ALA E 191 35.15 -33.53 19.10
CA ALA E 191 35.56 -34.74 19.81
C ALA E 191 36.87 -35.30 19.29
N GLY E 192 37.60 -34.52 18.50
CA GLY E 192 38.87 -34.95 17.96
C GLY E 192 38.75 -35.86 16.75
N THR E 193 37.74 -35.63 15.91
CA THR E 193 37.62 -36.41 14.68
C THR E 193 37.24 -35.44 13.55
N LEU E 194 38.27 -34.86 12.94
CA LEU E 194 38.20 -34.14 11.68
C LEU E 194 39.63 -33.90 11.22
N GLN E 195 39.96 -34.35 10.01
CA GLN E 195 41.37 -34.40 9.68
C GLN E 195 41.60 -34.32 8.19
N TYR E 196 42.87 -34.32 7.80
CA TYR E 196 43.25 -34.17 6.41
C TYR E 196 43.19 -35.51 5.68
N ASP E 197 42.20 -35.65 4.80
CA ASP E 197 42.21 -36.74 3.83
C ASP E 197 43.25 -36.36 2.77
N PRO E 198 44.22 -37.22 2.48
CA PRO E 198 45.42 -36.79 1.75
C PRO E 198 45.48 -37.14 0.27
N ARG E 199 44.41 -37.65 -0.36
CA ARG E 199 44.51 -38.20 -1.72
C ARG E 199 44.89 -37.15 -2.77
N ILE E 200 43.95 -36.26 -3.09
CA ILE E 200 44.20 -34.94 -3.63
C ILE E 200 43.29 -34.08 -2.76
N TYR E 201 42.95 -34.65 -1.62
CA TYR E 201 41.79 -34.26 -0.82
C TYR E 201 42.23 -33.17 0.17
N SER E 202 41.50 -32.95 1.26
CA SER E 202 41.62 -31.72 2.04
C SER E 202 41.23 -32.08 3.47
N CYS E 203 41.24 -31.08 4.34
CA CYS E 203 40.91 -31.33 5.73
C CYS E 203 39.39 -31.37 5.88
N THR E 204 38.85 -32.59 5.95
CA THR E 204 37.41 -32.84 5.88
C THR E 204 37.03 -33.79 7.01
N PHE E 205 35.79 -34.29 6.94
CA PHE E 205 35.28 -35.30 7.86
C PHE E 205 35.55 -36.71 7.35
N ALA E 206 36.53 -37.38 7.95
CA ALA E 206 36.72 -38.80 7.72
C ALA E 206 35.76 -39.60 8.59
N GLN E 207 35.21 -40.68 8.03
CA GLN E 207 34.15 -41.44 8.67
C GLN E 207 34.68 -42.60 9.50
N SER E 208 35.88 -42.47 10.07
CA SER E 208 36.58 -43.63 10.62
C SER E 208 36.34 -43.85 12.11
N VAL E 209 36.35 -42.79 12.93
CA VAL E 209 36.46 -42.99 14.37
C VAL E 209 35.10 -43.18 15.01
N SER E 210 34.25 -42.15 14.95
CA SER E 210 32.95 -42.20 15.61
C SER E 210 31.95 -42.88 14.68
N SER E 211 31.71 -44.18 14.91
CA SER E 211 30.80 -44.92 14.04
C SER E 211 29.35 -44.54 14.31
N ALA E 212 29.02 -44.26 15.56
CA ALA E 212 27.64 -43.92 15.92
C ALA E 212 27.21 -42.60 15.31
N TYR E 213 28.07 -41.59 15.38
CA TYR E 213 27.69 -40.31 14.81
C TYR E 213 27.80 -40.31 13.30
N THR E 214 28.65 -41.16 12.70
CA THR E 214 28.65 -41.23 11.25
C THR E 214 27.55 -42.12 10.71
N ILE E 215 26.87 -42.89 11.57
CA ILE E 215 25.55 -43.43 11.20
C ILE E 215 24.47 -42.35 11.40
N ALA E 216 24.62 -41.50 12.42
CA ALA E 216 23.65 -40.44 12.64
C ALA E 216 23.75 -39.32 11.60
N VAL E 217 24.85 -39.23 10.87
CA VAL E 217 24.99 -38.22 9.81
C VAL E 217 24.35 -38.69 8.50
N VAL E 218 24.53 -39.96 8.15
CA VAL E 218 24.07 -40.44 6.85
C VAL E 218 22.53 -40.55 6.80
N VAL E 219 21.91 -41.09 7.86
CA VAL E 219 20.50 -41.40 7.76
C VAL E 219 19.64 -40.29 8.37
N PHE E 220 19.74 -40.08 9.68
CA PHE E 220 18.83 -39.14 10.31
C PHE E 220 19.36 -37.71 10.34
N HIS E 221 20.30 -37.38 9.46
CA HIS E 221 20.69 -35.99 9.25
C HIS E 221 20.75 -35.65 7.76
N PHE E 222 20.99 -36.65 6.91
CA PHE E 222 21.13 -36.43 5.48
C PHE E 222 20.27 -37.37 4.63
N LEU E 223 19.35 -38.12 5.24
CA LEU E 223 18.46 -38.97 4.45
C LEU E 223 17.00 -38.88 4.90
N VAL E 224 16.69 -38.19 5.98
CA VAL E 224 15.31 -37.81 6.30
C VAL E 224 14.95 -36.50 5.59
N PRO E 225 15.90 -35.62 5.17
CA PRO E 225 15.57 -34.73 4.05
C PRO E 225 15.02 -35.41 2.80
N MET E 226 15.46 -36.64 2.48
CA MET E 226 14.90 -37.37 1.34
C MET E 226 13.40 -37.59 1.52
N ILE E 227 13.02 -38.13 2.68
CA ILE E 227 11.62 -38.43 2.98
C ILE E 227 10.78 -37.16 3.05
N ILE E 228 11.31 -36.09 3.66
CA ILE E 228 10.55 -34.86 3.80
C ILE E 228 10.33 -34.19 2.44
N VAL E 229 11.39 -34.08 1.63
CA VAL E 229 11.29 -33.46 0.31
C VAL E 229 10.39 -34.29 -0.61
N ILE E 230 10.50 -35.62 -0.55
CA ILE E 230 9.69 -36.42 -1.46
C ILE E 230 8.23 -36.43 -1.02
N PHE E 231 7.93 -36.37 0.29
CA PHE E 231 6.54 -36.36 0.72
C PHE E 231 5.89 -35.03 0.41
N CYS E 232 6.61 -33.92 0.61
CA CYS E 232 6.07 -32.61 0.30
C CYS E 232 5.82 -32.44 -1.19
N TYR E 233 6.79 -32.79 -2.03
CA TYR E 233 6.59 -32.56 -3.46
C TYR E 233 5.67 -33.59 -4.10
N LEU E 234 5.59 -34.81 -3.55
CA LEU E 234 4.60 -35.76 -4.07
C LEU E 234 3.19 -35.40 -3.65
N ARG E 235 3.00 -34.88 -2.43
CA ARG E 235 1.67 -34.41 -2.04
C ARG E 235 1.25 -33.19 -2.84
N ILE E 236 2.20 -32.30 -3.14
CA ILE E 236 1.93 -31.15 -4.01
C ILE E 236 1.54 -31.60 -5.41
N TRP E 237 2.24 -32.60 -5.95
CA TRP E 237 1.95 -33.04 -7.31
C TRP E 237 0.63 -33.79 -7.41
N ILE E 238 0.34 -34.68 -6.46
CA ILE E 238 -0.94 -35.38 -6.50
C ILE E 238 -2.08 -34.44 -6.16
N LEU E 239 -1.84 -33.36 -5.41
CA LEU E 239 -2.92 -32.41 -5.17
C LEU E 239 -3.18 -31.54 -6.39
N VAL E 240 -2.14 -31.13 -7.11
CA VAL E 240 -2.36 -30.32 -8.31
C VAL E 240 -2.89 -31.17 -9.46
N LEU E 241 -2.75 -32.49 -9.41
CA LEU E 241 -3.48 -33.33 -10.35
C LEU E 241 -4.82 -33.81 -9.82
N GLN E 242 -5.07 -33.66 -8.52
CA GLN E 242 -6.33 -34.07 -7.93
C GLN E 242 -7.38 -32.97 -8.01
N VAL E 243 -6.97 -31.70 -7.93
CA VAL E 243 -7.91 -30.60 -7.99
C VAL E 243 -8.12 -30.16 -9.43
N ARG E 244 -7.48 -30.86 -10.38
CA ARG E 244 -7.85 -30.74 -11.78
C ARG E 244 -8.96 -31.73 -12.11
N GLN E 245 -10.11 -31.51 -11.48
CA GLN E 245 -11.29 -32.33 -11.69
C GLN E 245 -12.24 -31.65 -12.68
N ARG E 246 -11.75 -31.50 -13.90
CA ARG E 246 -12.59 -31.24 -15.06
C ARG E 246 -12.19 -32.24 -16.15
N VAL E 247 -13.19 -32.89 -16.74
CA VAL E 247 -12.93 -33.92 -17.73
C VAL E 247 -13.40 -33.46 -19.09
N PRO E 257 4.60 -31.30 -22.49
CA PRO E 257 3.96 -30.40 -21.51
C PRO E 257 2.89 -31.09 -20.68
N GLN E 258 2.31 -32.16 -21.23
CA GLN E 258 1.31 -32.92 -20.49
C GLN E 258 1.94 -33.73 -19.36
N ASP E 259 3.23 -34.04 -19.48
CA ASP E 259 4.00 -34.66 -18.41
C ASP E 259 5.34 -34.00 -18.17
N PHE E 260 5.86 -33.21 -19.14
CA PHE E 260 7.18 -32.61 -19.13
C PHE E 260 7.45 -31.74 -17.91
N ARG E 261 6.75 -30.62 -17.80
CA ARG E 261 6.98 -29.73 -16.67
C ARG E 261 6.41 -30.33 -15.40
N ASN E 262 5.26 -30.99 -15.50
CA ASN E 262 4.55 -31.57 -14.37
C ASN E 262 5.31 -32.70 -13.70
N PHE E 263 6.36 -33.23 -14.31
CA PHE E 263 7.21 -34.14 -13.56
C PHE E 263 8.66 -33.68 -13.45
N VAL E 264 9.14 -32.79 -14.33
CA VAL E 264 10.49 -32.31 -14.13
C VAL E 264 10.54 -31.32 -12.97
N THR E 265 9.44 -30.61 -12.67
CA THR E 265 9.46 -29.72 -11.52
C THR E 265 9.27 -30.48 -10.21
N MET E 266 8.92 -31.76 -10.26
CA MET E 266 9.06 -32.60 -9.08
C MET E 266 10.46 -33.15 -8.98
N PHE E 267 11.09 -33.48 -10.12
CA PHE E 267 12.43 -34.05 -10.02
C PHE E 267 13.52 -33.00 -9.85
N VAL E 268 13.38 -31.82 -10.47
CA VAL E 268 14.49 -30.86 -10.45
C VAL E 268 14.66 -30.23 -9.08
N VAL E 269 13.66 -30.29 -8.21
CA VAL E 269 13.80 -29.80 -6.85
C VAL E 269 13.96 -30.93 -5.84
N PHE E 270 13.87 -32.18 -6.28
CA PHE E 270 14.07 -33.31 -5.39
C PHE E 270 15.22 -34.21 -5.80
N VAL E 271 15.26 -34.65 -7.07
CA VAL E 271 16.11 -35.81 -7.35
C VAL E 271 17.55 -35.40 -7.61
N LEU E 272 17.84 -34.14 -7.93
CA LEU E 272 19.19 -33.77 -8.30
C LEU E 272 20.11 -33.75 -7.09
N PHE E 273 19.71 -33.05 -6.02
CA PHE E 273 20.52 -33.04 -4.82
C PHE E 273 20.49 -34.41 -4.13
N ALA E 274 19.41 -35.18 -4.33
CA ALA E 274 19.33 -36.54 -3.83
C ALA E 274 20.40 -37.43 -4.46
N ILE E 275 20.47 -37.46 -5.79
CA ILE E 275 21.44 -38.33 -6.44
C ILE E 275 22.85 -37.76 -6.39
N CYS E 276 23.01 -36.47 -6.12
CA CYS E 276 24.36 -35.94 -5.98
C CYS E 276 24.89 -36.06 -4.55
N TRP E 277 24.02 -36.24 -3.56
CA TRP E 277 24.51 -36.58 -2.23
C TRP E 277 24.56 -38.08 -1.98
N ALA E 278 23.76 -38.87 -2.68
CA ALA E 278 23.54 -40.27 -2.31
C ALA E 278 24.74 -41.22 -2.39
N PRO E 279 25.67 -41.14 -3.36
CA PRO E 279 26.82 -42.07 -3.28
C PRO E 279 27.76 -41.79 -2.13
N LEU E 280 27.91 -40.53 -1.73
CA LEU E 280 28.73 -40.23 -0.56
C LEU E 280 28.10 -40.75 0.72
N ASN E 281 26.77 -40.67 0.84
CA ASN E 281 26.09 -41.33 1.94
C ASN E 281 26.20 -42.85 1.86
N PHE E 282 26.23 -43.41 0.64
CA PHE E 282 26.43 -44.85 0.49
C PHE E 282 27.79 -45.27 1.01
N ILE E 283 28.84 -44.51 0.70
CA ILE E 283 30.17 -44.81 1.20
C ILE E 283 30.24 -44.60 2.72
N GLY E 284 29.60 -43.54 3.22
CA GLY E 284 29.68 -43.25 4.65
C GLY E 284 28.94 -44.25 5.51
N LEU E 285 27.85 -44.81 5.00
CA LEU E 285 27.17 -45.87 5.74
C LEU E 285 27.80 -47.24 5.48
N ALA E 286 28.47 -47.42 4.34
CA ALA E 286 29.16 -48.68 4.08
C ALA E 286 30.37 -48.85 4.99
N VAL E 287 31.18 -47.80 5.14
CA VAL E 287 32.36 -47.87 6.02
C VAL E 287 32.01 -47.80 7.50
N ALA E 288 30.73 -47.66 7.85
CA ALA E 288 30.33 -47.52 9.24
C ALA E 288 30.44 -48.83 10.02
N SER E 289 30.50 -49.98 9.35
CA SER E 289 30.67 -51.24 10.06
C SER E 289 32.10 -51.39 10.57
N ASP E 290 33.07 -51.41 9.66
CA ASP E 290 34.48 -51.30 10.00
C ASP E 290 35.19 -50.57 8.86
N PRO E 291 35.60 -49.32 9.07
CA PRO E 291 36.21 -48.55 7.97
C PRO E 291 37.59 -49.02 7.57
N ALA E 292 38.23 -49.88 8.36
CA ALA E 292 39.48 -50.51 7.94
C ALA E 292 39.26 -51.60 6.90
N SER E 293 38.01 -52.04 6.70
CA SER E 293 37.73 -53.08 5.72
C SER E 293 37.40 -52.51 4.34
N MET E 294 36.59 -51.45 4.30
CA MET E 294 36.08 -50.92 3.04
C MET E 294 36.96 -49.86 2.40
N VAL E 295 38.00 -49.40 3.08
CA VAL E 295 39.01 -48.56 2.43
C VAL E 295 39.85 -49.41 1.48
N PRO E 296 40.26 -50.66 1.81
CA PRO E 296 40.80 -51.52 0.74
C PRO E 296 39.74 -51.97 -0.28
N ARG E 297 38.48 -52.07 0.11
CA ARG E 297 37.45 -52.52 -0.82
C ARG E 297 37.16 -51.46 -1.87
N ILE E 298 36.68 -50.29 -1.43
CA ILE E 298 36.27 -49.21 -2.33
C ILE E 298 37.50 -48.54 -2.94
N PRO E 299 37.63 -48.53 -4.26
CA PRO E 299 38.74 -47.82 -4.91
C PRO E 299 38.55 -46.30 -4.86
N GLU E 300 39.59 -45.59 -5.30
CA GLU E 300 39.68 -44.15 -5.06
C GLU E 300 39.04 -43.33 -6.16
N TRP E 301 38.89 -43.88 -7.36
CA TRP E 301 38.38 -43.10 -8.49
C TRP E 301 36.90 -42.76 -8.33
N LEU E 302 36.07 -43.73 -7.97
CA LEU E 302 34.67 -43.42 -7.71
C LEU E 302 34.50 -42.72 -6.36
N PHE E 303 35.50 -42.81 -5.48
CA PHE E 303 35.52 -41.95 -4.29
C PHE E 303 35.68 -40.49 -4.69
N VAL E 304 36.59 -40.21 -5.63
CA VAL E 304 36.75 -38.86 -6.17
C VAL E 304 35.50 -38.38 -6.88
N ALA E 305 34.88 -39.25 -7.69
CA ALA E 305 33.63 -38.91 -8.35
C ALA E 305 32.51 -38.63 -7.35
N SER E 306 32.37 -39.49 -6.34
CA SER E 306 31.33 -39.39 -5.33
C SER E 306 31.50 -38.20 -4.42
N TYR E 307 32.72 -37.72 -4.22
CA TYR E 307 32.87 -36.56 -3.36
C TYR E 307 32.84 -35.25 -4.14
N TYR E 308 33.32 -35.24 -5.38
CA TYR E 308 33.22 -34.01 -6.15
C TYR E 308 31.84 -33.81 -6.76
N MET E 309 31.01 -34.86 -6.84
CA MET E 309 29.61 -34.60 -7.13
C MET E 309 28.91 -33.95 -5.94
N ALA E 310 29.33 -34.26 -4.72
CA ALA E 310 28.81 -33.55 -3.56
C ALA E 310 29.37 -32.13 -3.47
N TYR E 311 30.57 -31.89 -4.00
CA TYR E 311 31.03 -30.51 -4.15
C TYR E 311 30.25 -29.76 -5.23
N PHE E 312 29.84 -30.43 -6.30
CA PHE E 312 29.04 -29.78 -7.33
C PHE E 312 27.61 -29.54 -6.87
N ASN E 313 27.12 -30.37 -5.93
CA ASN E 313 25.76 -30.24 -5.42
C ASN E 313 25.56 -28.95 -4.65
N SER E 314 26.57 -28.50 -3.92
CA SER E 314 26.48 -27.29 -3.11
C SER E 314 26.50 -26.02 -3.96
N CYS E 315 26.65 -26.14 -5.28
CA CYS E 315 26.32 -25.09 -6.21
C CYS E 315 25.07 -25.40 -7.02
N LEU E 316 24.78 -26.69 -7.23
CA LEU E 316 23.58 -27.10 -7.95
C LEU E 316 22.31 -26.66 -7.24
N ASN E 317 22.34 -26.61 -5.90
CA ASN E 317 21.19 -26.13 -5.14
C ASN E 317 20.89 -24.67 -5.45
N ALA E 318 21.94 -23.84 -5.51
CA ALA E 318 21.75 -22.45 -5.88
C ALA E 318 21.35 -22.30 -7.33
N ILE E 319 21.85 -23.18 -8.21
CA ILE E 319 21.45 -23.18 -9.62
C ILE E 319 19.96 -23.42 -9.76
N ILE E 320 19.45 -24.46 -9.09
CA ILE E 320 18.03 -24.80 -9.13
C ILE E 320 17.20 -23.66 -8.54
N TYR E 321 17.44 -23.34 -7.27
CA TYR E 321 16.58 -22.38 -6.56
C TYR E 321 16.85 -20.92 -6.93
N GLY E 322 17.74 -20.64 -7.88
CA GLY E 322 17.91 -19.27 -8.31
C GLY E 322 17.88 -19.08 -9.81
N LEU E 323 17.72 -20.17 -10.57
CA LEU E 323 17.52 -20.01 -12.01
C LEU E 323 16.42 -20.91 -12.56
N LEU E 324 15.63 -21.56 -11.71
CA LEU E 324 14.39 -22.15 -12.16
C LEU E 324 13.16 -21.53 -11.51
N ASN E 325 13.34 -20.57 -10.61
CA ASN E 325 12.25 -19.67 -10.26
C ASN E 325 11.97 -18.76 -11.45
N GLN E 326 10.70 -18.39 -11.61
CA GLN E 326 10.36 -17.46 -12.69
C GLN E 326 10.33 -16.01 -12.23
N ASN E 327 10.03 -15.76 -10.96
CA ASN E 327 10.12 -14.41 -10.43
C ASN E 327 11.57 -13.96 -10.28
N PHE E 328 12.47 -14.91 -9.98
CA PHE E 328 13.89 -14.58 -9.95
C PHE E 328 14.43 -14.37 -11.36
N ARG E 329 13.91 -15.12 -12.35
CA ARG E 329 14.37 -14.96 -13.72
C ARG E 329 13.90 -13.65 -14.33
N LYS E 330 12.65 -13.27 -14.07
CA LYS E 330 12.20 -11.95 -14.51
C LYS E 330 12.60 -10.85 -13.54
N GLU E 331 13.27 -11.19 -12.44
CA GLU E 331 13.80 -10.22 -11.50
C GLU E 331 15.20 -9.76 -11.85
N TYR E 332 15.95 -10.54 -12.62
CA TYR E 332 17.29 -10.14 -13.03
C TYR E 332 17.23 -9.11 -14.15
#